data_2ZWY
#
_entry.id   2ZWY
#
_cell.length_a   180.593
_cell.length_b   180.593
_cell.length_c   169.408
_cell.angle_alpha   90.00
_cell.angle_beta   90.00
_cell.angle_gamma   120.00
#
_symmetry.space_group_name_H-M   'H 3 2'
#
loop_
_entity.id
_entity.type
_entity.pdbx_description
1 polymer 'Alpha-L-fucosidase, putative'
2 water water
#
_entity_poly.entity_id   1
_entity_poly.type   'polypeptide(L)'
_entity_poly.pdbx_seq_one_letter_code
;MISMKPRYKPDWESLREHTVPKWFDKAKFGIFIHWGIYSVPGWATPTGELGKVPMDAWFFQNPYAEWYENSLRIKESPTW
EYHVKTYGENFEYEKFADLFTAEKWDPQEWADLFKKAGAKYVIPTTKHHDGFCLWGTKYTDFNSVKRGPKRDLVGDLAKA
VREAGLRFGVYYSGGLDWRFTTEPIRYPEDLSYIRPNTYEYADYAYKQVMELVDLYLPDVLWNDMGWPEKGKEDLKYLFA
YYYNKHPEGSVNDRWGVPHWDFKTAEYHVNYPGDLPGYKWEFTRGIGLSFGYNRNEGPEHMLSVEQLVYTLVDVVSKGGN
LLLNVGPKGDGTIPDLQKERLLGLGEWLRKYGDAIYGTSVWERCCAKTEDGTEIRFTRKCNRIFVIFLGIPTGEKIVIED
LNLSAGTVRHFLTGERLSFKNVGKNLEITVPKKLLETDSITLVLEAVEEHHHHHH
;
_entity_poly.pdbx_strand_id   A,B
#
# COMPACT_ATOMS: atom_id res chain seq x y z
N ARG A 7 6.47 -6.72 -15.63
CA ARG A 7 5.04 -7.18 -15.56
C ARG A 7 4.62 -7.80 -14.17
N TYR A 8 3.33 -8.03 -13.97
CA TYR A 8 2.90 -8.69 -12.73
C TYR A 8 2.90 -10.20 -13.05
N LYS A 9 3.16 -11.03 -12.06
CA LYS A 9 3.25 -12.46 -12.30
C LYS A 9 2.09 -13.07 -11.61
N PRO A 10 1.68 -14.27 -12.06
CA PRO A 10 0.55 -14.94 -11.42
C PRO A 10 0.89 -15.57 -10.10
N ASP A 11 1.16 -14.76 -9.09
CA ASP A 11 1.42 -15.30 -7.75
C ASP A 11 1.37 -14.18 -6.68
N TRP A 12 0.66 -14.44 -5.57
CA TRP A 12 0.43 -13.43 -4.52
C TRP A 12 1.56 -12.50 -4.14
N GLU A 13 2.77 -13.02 -4.01
CA GLU A 13 3.95 -12.21 -3.64
C GLU A 13 4.08 -11.16 -4.70
N SER A 14 3.94 -11.57 -5.95
CA SER A 14 4.01 -10.60 -7.04
C SER A 14 2.86 -9.58 -7.16
N LEU A 15 1.62 -10.02 -6.89
CA LEU A 15 0.48 -9.15 -7.02
C LEU A 15 0.43 -8.16 -5.87
N ARG A 16 1.16 -8.47 -4.80
CA ARG A 16 1.28 -7.62 -3.59
C ARG A 16 1.75 -6.26 -4.09
N GLU A 17 2.65 -6.29 -5.06
CA GLU A 17 3.17 -5.10 -5.71
C GLU A 17 2.14 -4.06 -6.11
N HIS A 18 0.97 -4.51 -6.61
CA HIS A 18 -0.09 -3.63 -7.03
C HIS A 18 -0.88 -3.00 -5.89
N THR A 19 -0.87 -1.67 -5.78
CA THR A 19 -1.63 -1.05 -4.68
C THR A 19 -2.78 -0.24 -5.27
N VAL A 20 -3.74 0.13 -4.42
CA VAL A 20 -4.90 0.88 -4.88
C VAL A 20 -4.47 2.08 -5.75
N PRO A 21 -5.00 2.14 -6.99
CA PRO A 21 -4.65 3.23 -7.86
C PRO A 21 -5.00 4.57 -7.28
N LYS A 22 -4.19 5.58 -7.64
CA LYS A 22 -4.38 6.92 -7.14
C LYS A 22 -5.74 7.48 -7.44
N TRP A 23 -6.25 7.21 -8.66
CA TRP A 23 -7.55 7.75 -9.05
C TRP A 23 -8.61 7.32 -8.05
N PHE A 24 -8.65 6.02 -7.74
CA PHE A 24 -9.62 5.51 -6.78
C PHE A 24 -9.46 6.18 -5.42
N ASP A 25 -8.25 6.28 -4.93
CA ASP A 25 -8.07 6.88 -3.63
C ASP A 25 -8.52 8.29 -3.54
N LYS A 26 -8.33 9.03 -4.63
CA LYS A 26 -8.72 10.41 -4.76
C LYS A 26 -10.16 10.61 -5.21
N ALA A 27 -10.79 9.59 -5.77
CA ALA A 27 -12.18 9.80 -6.25
C ALA A 27 -13.27 10.09 -5.20
N LYS A 28 -13.12 9.54 -4.00
CA LYS A 28 -14.04 9.75 -2.88
C LYS A 28 -15.49 9.29 -2.96
N PHE A 29 -16.12 9.32 -4.14
CA PHE A 29 -17.52 8.96 -4.21
C PHE A 29 -17.91 8.27 -5.49
N GLY A 30 -18.56 7.11 -5.39
CA GLY A 30 -19.00 6.38 -6.58
C GLY A 30 -20.47 6.02 -6.44
N ILE A 31 -21.11 5.56 -7.51
CA ILE A 31 -22.52 5.16 -7.52
C ILE A 31 -22.59 3.67 -7.91
N PHE A 32 -23.25 2.88 -7.07
CA PHE A 32 -23.49 1.45 -7.25
C PHE A 32 -24.82 1.42 -8.00
N ILE A 33 -25.05 0.45 -8.87
CA ILE A 33 -26.37 0.35 -9.47
C ILE A 33 -26.81 -1.13 -9.39
N HIS A 34 -27.82 -1.43 -8.58
CA HIS A 34 -28.36 -2.78 -8.50
C HIS A 34 -29.60 -2.79 -9.38
N TRP A 35 -29.46 -3.29 -10.60
CA TRP A 35 -30.56 -3.30 -11.54
C TRP A 35 -30.64 -4.65 -12.23
N GLY A 36 -31.80 -5.27 -12.19
CA GLY A 36 -31.92 -6.55 -12.84
C GLY A 36 -33.37 -6.92 -12.99
N ILE A 37 -33.66 -8.18 -13.27
CA ILE A 37 -35.04 -8.61 -13.44
C ILE A 37 -35.82 -8.62 -12.14
N TYR A 38 -35.12 -8.43 -11.01
CA TYR A 38 -35.71 -8.40 -9.70
C TYR A 38 -36.29 -7.05 -9.59
N SER A 39 -35.76 -6.15 -10.41
CA SER A 39 -36.23 -4.75 -10.45
C SER A 39 -37.69 -4.67 -10.85
N VAL A 40 -38.18 -5.66 -11.63
CA VAL A 40 -39.55 -5.67 -12.10
C VAL A 40 -40.53 -5.97 -10.96
N PRO A 41 -40.36 -7.06 -10.19
CA PRO A 41 -41.39 -7.12 -9.13
C PRO A 41 -41.13 -5.92 -8.25
N GLY A 42 -39.86 -5.53 -8.14
CA GLY A 42 -39.45 -4.38 -7.35
C GLY A 42 -40.15 -4.29 -6.03
N TRP A 43 -39.92 -5.28 -5.16
CA TRP A 43 -40.64 -5.33 -3.89
C TRP A 43 -39.96 -6.11 -2.79
N ALA A 44 -39.96 -5.55 -1.59
CA ALA A 44 -39.44 -6.27 -0.40
C ALA A 44 -40.16 -5.73 0.86
N THR A 45 -40.25 -6.52 1.91
CA THR A 45 -40.82 -6.00 3.17
C THR A 45 -39.62 -5.23 3.80
N PRO A 46 -39.66 -3.87 3.81
CA PRO A 46 -38.62 -2.94 4.35
C PRO A 46 -38.28 -3.00 5.89
N THR A 47 -37.76 -4.14 6.31
CA THR A 47 -37.40 -4.45 7.71
C THR A 47 -36.29 -3.62 8.44
N GLY A 48 -35.20 -3.27 7.75
CA GLY A 48 -34.19 -2.50 8.42
C GLY A 48 -32.82 -2.30 7.77
N GLU A 49 -31.83 -2.22 8.68
CA GLU A 49 -30.43 -2.02 8.28
C GLU A 49 -29.62 -3.25 8.65
N LEU A 50 -28.78 -3.71 7.73
CA LEU A 50 -27.93 -4.86 8.04
C LEU A 50 -27.18 -4.37 9.30
N GLY A 51 -26.94 -5.31 10.23
CA GLY A 51 -26.26 -5.01 11.47
C GLY A 51 -27.31 -4.72 12.54
N LYS A 52 -28.58 -4.63 12.11
CA LYS A 52 -29.69 -4.34 13.04
C LYS A 52 -30.77 -5.45 13.09
N VAL A 53 -31.12 -6.01 11.92
CA VAL A 53 -32.11 -7.09 11.86
C VAL A 53 -31.50 -8.45 12.26
N PRO A 54 -32.17 -9.19 13.18
CA PRO A 54 -31.66 -10.51 13.61
C PRO A 54 -31.58 -11.51 12.42
N MET A 55 -30.39 -12.10 12.20
CA MET A 55 -30.18 -13.06 11.10
C MET A 55 -30.98 -14.35 11.34
N ASP A 56 -31.74 -14.34 12.42
CA ASP A 56 -32.56 -15.48 12.79
C ASP A 56 -33.81 -15.51 11.91
N ALA A 57 -34.31 -14.32 11.53
CA ALA A 57 -35.49 -14.18 10.66
C ALA A 57 -35.16 -13.42 9.36
N TRP A 58 -33.95 -12.89 9.28
CA TRP A 58 -33.54 -12.11 8.14
C TRP A 58 -33.98 -12.60 6.76
N PHE A 59 -33.64 -13.84 6.39
CA PHE A 59 -33.98 -14.32 5.05
C PHE A 59 -35.46 -14.49 4.76
N PHE A 60 -36.24 -14.66 5.85
CA PHE A 60 -37.71 -14.82 5.87
C PHE A 60 -38.45 -13.45 5.70
N GLN A 61 -37.98 -12.41 6.40
CA GLN A 61 -38.54 -11.07 6.25
C GLN A 61 -37.49 -10.26 5.48
N ASN A 62 -36.90 -10.78 4.40
CA ASN A 62 -35.83 -10.04 3.68
C ASN A 62 -36.17 -8.61 3.13
N PRO A 63 -35.39 -7.60 3.57
CA PRO A 63 -35.57 -6.20 3.15
C PRO A 63 -34.79 -5.78 1.93
N TYR A 64 -33.97 -6.68 1.38
CA TYR A 64 -33.21 -6.38 0.18
C TYR A 64 -33.95 -6.91 -1.04
N ALA A 65 -34.69 -6.03 -1.72
CA ALA A 65 -35.48 -6.43 -2.87
C ALA A 65 -34.71 -7.27 -3.92
N GLU A 66 -33.40 -7.10 -4.10
CA GLU A 66 -32.73 -7.95 -5.07
C GLU A 66 -32.66 -9.43 -4.62
N TRP A 67 -33.15 -9.78 -3.43
CA TRP A 67 -33.12 -11.19 -3.03
C TRP A 67 -34.45 -11.86 -3.33
N TYR A 68 -35.26 -11.24 -4.20
CA TYR A 68 -36.63 -11.72 -4.49
C TYR A 68 -36.69 -13.20 -4.77
N GLU A 69 -35.84 -13.69 -5.66
CA GLU A 69 -35.92 -15.11 -5.96
C GLU A 69 -35.70 -16.00 -4.69
N ASN A 70 -34.71 -15.66 -3.86
CA ASN A 70 -34.47 -16.47 -2.69
C ASN A 70 -35.68 -16.52 -1.81
N SER A 71 -36.21 -15.33 -1.52
CA SER A 71 -37.39 -15.17 -0.68
C SER A 71 -38.61 -15.88 -1.25
N LEU A 72 -38.80 -15.79 -2.57
CA LEU A 72 -39.89 -16.45 -3.29
C LEU A 72 -39.75 -17.99 -3.20
N ARG A 73 -38.56 -18.50 -2.95
CA ARG A 73 -38.38 -19.95 -2.84
C ARG A 73 -38.74 -20.39 -1.42
N ILE A 74 -38.95 -19.43 -0.51
CA ILE A 74 -39.31 -19.75 0.86
C ILE A 74 -40.82 -19.61 0.93
N LYS A 75 -41.54 -20.72 0.70
CA LYS A 75 -43.01 -20.71 0.73
C LYS A 75 -43.47 -20.10 2.04
N GLU A 76 -44.56 -19.36 2.01
CA GLU A 76 -44.99 -18.72 3.24
C GLU A 76 -43.90 -17.74 3.70
N SER A 77 -43.69 -16.72 2.88
CA SER A 77 -42.79 -15.66 3.17
C SER A 77 -43.61 -14.45 2.68
N PRO A 78 -43.37 -13.27 3.24
CA PRO A 78 -44.18 -12.16 2.72
C PRO A 78 -44.03 -12.07 1.19
N THR A 79 -42.82 -12.23 0.67
CA THR A 79 -42.60 -12.22 -0.77
C THR A 79 -43.42 -13.30 -1.50
N TRP A 80 -43.43 -14.52 -0.97
CA TRP A 80 -44.17 -15.57 -1.60
C TRP A 80 -45.63 -15.18 -1.70
N GLU A 81 -46.16 -14.62 -0.61
CA GLU A 81 -47.53 -14.14 -0.50
C GLU A 81 -47.86 -13.14 -1.60
N TYR A 82 -47.03 -12.13 -1.66
CA TYR A 82 -47.13 -11.06 -2.64
C TYR A 82 -46.99 -11.57 -4.05
N HIS A 83 -46.03 -12.44 -4.32
CA HIS A 83 -45.86 -12.97 -5.67
C HIS A 83 -47.15 -13.67 -6.21
N VAL A 84 -47.71 -14.60 -5.42
CA VAL A 84 -48.91 -15.32 -5.80
C VAL A 84 -50.12 -14.38 -6.02
N LYS A 85 -50.41 -13.50 -5.09
CA LYS A 85 -51.53 -12.62 -5.35
C LYS A 85 -51.22 -11.71 -6.60
N THR A 86 -49.98 -11.23 -6.73
CA THR A 86 -49.66 -10.31 -7.82
C THR A 86 -49.43 -10.91 -9.20
N TYR A 87 -48.60 -11.95 -9.29
CA TYR A 87 -48.32 -12.54 -10.59
C TYR A 87 -48.80 -13.97 -10.76
N GLY A 88 -49.21 -14.64 -9.68
CA GLY A 88 -49.67 -16.01 -9.76
C GLY A 88 -48.68 -17.11 -9.39
N GLU A 89 -49.21 -18.20 -8.88
CA GLU A 89 -48.40 -19.34 -8.47
C GLU A 89 -47.57 -19.96 -9.61
N ASN A 90 -48.08 -19.88 -10.83
CA ASN A 90 -47.40 -20.48 -11.98
C ASN A 90 -46.55 -19.50 -12.73
N PHE A 91 -45.98 -18.52 -12.03
CA PHE A 91 -45.14 -17.50 -12.68
C PHE A 91 -43.72 -17.62 -12.11
N GLU A 92 -42.88 -18.28 -12.90
CA GLU A 92 -41.50 -18.51 -12.53
C GLU A 92 -40.70 -17.21 -12.51
N TYR A 93 -39.82 -17.09 -11.50
CA TYR A 93 -39.00 -15.93 -11.31
C TYR A 93 -38.32 -15.56 -12.64
N GLU A 94 -37.76 -16.57 -13.28
CA GLU A 94 -37.01 -16.46 -14.54
C GLU A 94 -37.82 -15.74 -15.57
N LYS A 95 -39.13 -15.83 -15.44
CA LYS A 95 -40.03 -15.23 -16.42
C LYS A 95 -39.97 -13.70 -16.38
N PHE A 96 -39.45 -13.15 -15.29
CA PHE A 96 -39.31 -11.72 -15.23
C PHE A 96 -38.33 -11.19 -16.31
N ALA A 97 -37.42 -12.03 -16.77
CA ALA A 97 -36.51 -11.59 -17.80
C ALA A 97 -37.27 -11.13 -19.08
N ASP A 98 -38.53 -11.53 -19.20
CA ASP A 98 -39.34 -11.14 -20.37
C ASP A 98 -40.08 -9.87 -20.09
N LEU A 99 -40.17 -9.48 -18.82
CA LEU A 99 -40.87 -8.25 -18.54
C LEU A 99 -39.80 -7.23 -18.31
N PHE A 100 -38.56 -7.67 -18.20
CA PHE A 100 -37.53 -6.70 -17.94
C PHE A 100 -37.14 -6.06 -19.25
N THR A 101 -37.92 -5.09 -19.67
CA THR A 101 -37.71 -4.50 -20.98
C THR A 101 -36.97 -3.20 -21.16
N ALA A 102 -36.59 -2.55 -20.07
CA ALA A 102 -35.89 -1.26 -20.10
C ALA A 102 -36.39 -0.33 -21.22
N GLU A 103 -37.71 -0.26 -21.40
CA GLU A 103 -38.29 0.54 -22.46
C GLU A 103 -38.03 2.04 -22.45
N LYS A 104 -37.84 2.65 -21.28
CA LYS A 104 -37.58 4.09 -21.16
C LYS A 104 -36.16 4.27 -20.68
N TRP A 105 -35.22 3.47 -21.16
CA TRP A 105 -33.87 3.62 -20.65
C TRP A 105 -32.97 4.50 -21.49
N ASP A 106 -32.34 5.49 -20.84
CA ASP A 106 -31.39 6.39 -21.56
C ASP A 106 -30.05 6.54 -20.81
N PRO A 107 -29.08 5.70 -21.17
CA PRO A 107 -27.80 5.77 -20.48
C PRO A 107 -27.12 7.13 -20.32
N GLN A 108 -27.11 7.95 -21.37
CA GLN A 108 -26.45 9.24 -21.20
C GLN A 108 -27.11 10.01 -20.10
N GLU A 109 -28.42 9.81 -19.97
CA GLU A 109 -29.21 10.46 -18.94
C GLU A 109 -28.73 10.00 -17.54
N TRP A 110 -28.49 8.70 -17.36
CA TRP A 110 -27.96 8.23 -16.06
C TRP A 110 -26.55 8.78 -15.81
N ALA A 111 -25.65 8.70 -16.79
CA ALA A 111 -24.29 9.19 -16.56
C ALA A 111 -24.28 10.68 -16.24
N ASP A 112 -25.15 11.41 -16.90
CA ASP A 112 -25.19 12.83 -16.62
C ASP A 112 -25.67 13.04 -15.19
N LEU A 113 -26.69 12.27 -14.76
CA LEU A 113 -27.20 12.44 -13.38
C LEU A 113 -26.15 12.07 -12.35
N PHE A 114 -25.40 11.01 -12.64
CA PHE A 114 -24.37 10.59 -11.69
C PHE A 114 -23.26 11.62 -11.73
N LYS A 115 -23.02 12.21 -12.91
CA LYS A 115 -21.99 13.25 -12.97
C LYS A 115 -22.43 14.45 -12.11
N LYS A 116 -23.66 14.91 -12.31
CA LYS A 116 -24.19 16.05 -11.58
C LYS A 116 -24.25 15.72 -10.10
N ALA A 117 -24.44 14.45 -9.73
CA ALA A 117 -24.52 14.10 -8.31
C ALA A 117 -23.15 14.13 -7.62
N GLY A 118 -22.08 14.39 -8.40
CA GLY A 118 -20.74 14.46 -7.84
C GLY A 118 -19.93 13.15 -7.83
N ALA A 119 -20.47 12.06 -8.38
CA ALA A 119 -19.80 10.79 -8.41
C ALA A 119 -18.66 10.74 -9.48
N LYS A 120 -17.55 10.06 -9.16
CA LYS A 120 -16.43 9.94 -10.08
C LYS A 120 -16.32 8.55 -10.78
N TYR A 121 -17.06 7.54 -10.29
CA TYR A 121 -17.11 6.20 -10.90
C TYR A 121 -18.49 5.58 -10.64
N VAL A 122 -18.82 4.62 -11.49
CA VAL A 122 -20.08 3.97 -11.51
C VAL A 122 -19.84 2.50 -11.67
N ILE A 123 -20.60 1.70 -10.91
CA ILE A 123 -20.47 0.26 -10.93
C ILE A 123 -21.80 -0.45 -10.98
N PRO A 124 -22.13 -1.06 -12.10
CA PRO A 124 -23.40 -1.76 -12.13
C PRO A 124 -23.29 -3.31 -11.90
N THR A 125 -24.36 -3.88 -11.39
CA THR A 125 -24.42 -5.28 -11.16
C THR A 125 -24.44 -5.92 -12.54
N THR A 126 -23.45 -6.73 -12.89
CA THR A 126 -23.48 -7.36 -14.20
C THR A 126 -24.16 -8.70 -14.08
N LYS A 127 -24.14 -9.23 -12.89
CA LYS A 127 -24.80 -10.49 -12.57
C LYS A 127 -24.91 -10.56 -11.07
N HIS A 128 -26.11 -10.56 -10.58
CA HIS A 128 -26.32 -10.67 -9.18
C HIS A 128 -26.57 -12.19 -8.86
N HIS A 129 -26.95 -12.48 -7.63
CA HIS A 129 -27.17 -13.85 -7.23
C HIS A 129 -28.13 -14.71 -8.10
N ASP A 130 -29.10 -14.04 -8.76
CA ASP A 130 -30.06 -14.76 -9.59
C ASP A 130 -29.47 -15.27 -10.91
N GLY A 131 -28.26 -14.81 -11.19
CA GLY A 131 -27.55 -15.24 -12.35
C GLY A 131 -27.89 -14.66 -13.68
N PHE A 132 -28.79 -13.70 -13.72
CA PHE A 132 -29.14 -13.10 -14.98
C PHE A 132 -28.01 -12.08 -15.31
N CYS A 133 -27.48 -12.15 -16.54
CA CYS A 133 -26.39 -11.28 -17.01
C CYS A 133 -26.83 -10.10 -17.89
N LEU A 134 -26.46 -8.91 -17.47
CA LEU A 134 -26.82 -7.74 -18.19
C LEU A 134 -25.89 -7.34 -19.33
N TRP A 135 -25.27 -8.33 -19.99
CA TRP A 135 -24.42 -8.17 -21.21
C TRP A 135 -24.58 -9.44 -22.02
N GLY A 136 -24.17 -9.40 -23.29
CA GLY A 136 -24.34 -10.61 -24.08
C GLY A 136 -23.28 -11.65 -23.83
N THR A 137 -23.11 -12.11 -22.59
CA THR A 137 -22.10 -13.15 -22.36
C THR A 137 -22.37 -14.37 -23.30
N LYS A 138 -21.32 -15.05 -23.70
CA LYS A 138 -21.53 -16.18 -24.58
C LYS A 138 -21.68 -17.44 -23.72
N TYR A 139 -21.65 -17.29 -22.40
CA TYR A 139 -21.71 -18.49 -21.55
C TYR A 139 -23.03 -18.86 -20.93
N THR A 140 -24.08 -18.19 -21.37
CA THR A 140 -25.41 -18.47 -20.90
C THR A 140 -26.36 -17.61 -21.76
N ASP A 141 -27.58 -18.12 -21.95
CA ASP A 141 -28.62 -17.40 -22.70
C ASP A 141 -29.52 -16.60 -21.79
N PHE A 142 -29.24 -16.58 -20.50
CA PHE A 142 -30.07 -15.88 -19.59
C PHE A 142 -29.35 -14.56 -19.38
N ASN A 143 -29.43 -13.71 -20.38
CA ASN A 143 -28.74 -12.45 -20.37
C ASN A 143 -29.60 -11.44 -21.10
N SER A 144 -29.28 -10.16 -20.88
CA SER A 144 -30.06 -9.08 -21.46
C SER A 144 -30.08 -8.92 -22.97
N VAL A 145 -29.34 -9.75 -23.70
CA VAL A 145 -29.31 -9.59 -25.15
C VAL A 145 -30.35 -10.51 -25.76
N LYS A 146 -30.35 -11.77 -25.33
CA LYS A 146 -31.32 -12.74 -25.83
C LYS A 146 -32.74 -12.52 -25.27
N ARG A 147 -32.86 -11.92 -24.09
CA ARG A 147 -34.17 -11.75 -23.45
C ARG A 147 -34.45 -10.31 -23.10
N GLY A 148 -35.45 -10.07 -22.27
CA GLY A 148 -35.82 -8.73 -21.81
C GLY A 148 -35.54 -7.54 -22.71
N PRO A 149 -34.53 -6.72 -22.40
CA PRO A 149 -34.14 -5.52 -23.15
C PRO A 149 -33.65 -5.81 -24.54
N LYS A 150 -33.04 -6.95 -24.76
CA LYS A 150 -32.52 -7.29 -26.08
C LYS A 150 -31.51 -6.21 -26.34
N ARG A 151 -30.64 -5.96 -25.35
CA ARG A 151 -29.64 -4.91 -25.44
C ARG A 151 -28.49 -5.26 -24.52
N ASP A 152 -27.30 -4.70 -24.74
CA ASP A 152 -26.17 -4.96 -23.87
C ASP A 152 -26.13 -3.78 -22.93
N LEU A 153 -26.77 -3.96 -21.79
CA LEU A 153 -26.85 -2.91 -20.79
C LEU A 153 -25.47 -2.52 -20.26
N VAL A 154 -24.63 -3.51 -19.94
CA VAL A 154 -23.32 -3.21 -19.36
C VAL A 154 -22.58 -2.34 -20.38
N GLY A 155 -22.43 -2.91 -21.61
CA GLY A 155 -21.77 -2.21 -22.69
C GLY A 155 -22.25 -0.78 -22.94
N ASP A 156 -23.57 -0.62 -23.15
CA ASP A 156 -24.06 0.70 -23.41
C ASP A 156 -23.88 1.71 -22.31
N LEU A 157 -24.05 1.28 -21.08
CA LEU A 157 -23.89 2.21 -19.96
C LEU A 157 -22.41 2.47 -19.78
N ALA A 158 -21.57 1.52 -20.18
CA ALA A 158 -20.13 1.69 -20.02
C ALA A 158 -19.61 2.88 -20.92
N LYS A 159 -20.18 2.97 -22.13
CA LYS A 159 -19.83 4.00 -23.07
C LYS A 159 -20.31 5.36 -22.53
N ALA A 160 -21.51 5.37 -21.95
CA ALA A 160 -22.05 6.61 -21.44
C ALA A 160 -21.28 7.13 -20.25
N VAL A 161 -20.95 6.26 -19.32
CA VAL A 161 -20.26 6.71 -18.16
C VAL A 161 -18.93 7.33 -18.60
N ARG A 162 -18.25 6.62 -19.48
CA ARG A 162 -16.97 7.10 -19.98
C ARG A 162 -17.14 8.38 -20.80
N GLU A 163 -18.24 8.48 -21.56
CA GLU A 163 -18.48 9.68 -22.32
C GLU A 163 -18.59 10.83 -21.35
N ALA A 164 -19.29 10.59 -20.23
CA ALA A 164 -19.49 11.59 -19.19
C ALA A 164 -18.20 11.82 -18.43
N GLY A 165 -17.17 11.06 -18.79
CA GLY A 165 -15.88 11.26 -18.17
C GLY A 165 -15.65 10.55 -16.86
N LEU A 166 -16.60 9.70 -16.44
CA LEU A 166 -16.43 8.93 -15.19
C LEU A 166 -15.79 7.53 -15.40
N ARG A 167 -15.20 7.02 -14.31
CA ARG A 167 -14.57 5.70 -14.24
C ARG A 167 -15.74 4.69 -14.19
N PHE A 168 -15.58 3.51 -14.76
CA PHE A 168 -16.63 2.45 -14.80
C PHE A 168 -16.07 1.15 -14.26
N GLY A 169 -16.72 0.55 -13.28
CA GLY A 169 -16.22 -0.70 -12.74
C GLY A 169 -17.33 -1.67 -12.98
N VAL A 170 -17.14 -2.92 -12.58
CA VAL A 170 -18.19 -3.96 -12.75
C VAL A 170 -18.40 -4.78 -11.52
N TYR A 171 -19.67 -5.00 -11.16
CA TYR A 171 -20.04 -5.85 -10.03
C TYR A 171 -20.31 -7.30 -10.57
N TYR A 172 -19.89 -8.35 -9.87
CA TYR A 172 -20.17 -9.70 -10.30
C TYR A 172 -20.44 -10.62 -9.13
N SER A 173 -21.56 -11.31 -9.12
CA SER A 173 -21.83 -12.24 -8.04
C SER A 173 -21.02 -13.54 -8.26
N GLY A 174 -19.81 -13.62 -7.72
CA GLY A 174 -19.03 -14.81 -7.94
C GLY A 174 -19.39 -15.93 -7.02
N GLY A 175 -19.75 -15.55 -5.78
CA GLY A 175 -20.07 -16.52 -4.77
C GLY A 175 -21.41 -17.22 -4.88
N LEU A 176 -22.45 -16.47 -5.26
CA LEU A 176 -23.76 -17.03 -5.41
C LEU A 176 -24.24 -16.93 -6.86
N ASP A 177 -24.97 -17.94 -7.33
CA ASP A 177 -25.63 -17.91 -8.65
C ASP A 177 -26.83 -18.88 -8.45
N TRP A 178 -28.04 -18.33 -8.31
CA TRP A 178 -29.17 -19.22 -8.06
C TRP A 178 -29.56 -20.11 -9.24
N ARG A 179 -28.90 -19.90 -10.36
CA ARG A 179 -29.13 -20.74 -11.51
C ARG A 179 -28.49 -22.11 -11.30
N PHE A 180 -27.68 -22.23 -10.26
CA PHE A 180 -27.02 -23.51 -9.95
C PHE A 180 -27.50 -24.17 -8.60
N THR A 181 -28.62 -23.71 -8.02
CA THR A 181 -29.13 -24.29 -6.78
C THR A 181 -30.64 -24.34 -6.87
N THR A 182 -31.26 -25.01 -5.92
CA THR A 182 -32.71 -25.08 -5.91
C THR A 182 -33.18 -24.68 -4.55
N GLU A 183 -32.48 -25.12 -3.51
CA GLU A 183 -32.85 -24.81 -2.13
C GLU A 183 -32.58 -23.33 -1.83
N PRO A 184 -33.49 -22.62 -1.13
CA PRO A 184 -33.27 -21.20 -0.82
C PRO A 184 -32.33 -21.02 0.39
N ILE A 185 -31.88 -19.81 0.66
CA ILE A 185 -31.06 -19.62 1.86
C ILE A 185 -32.06 -19.23 2.93
N ARG A 186 -32.00 -19.91 4.08
CA ARG A 186 -32.93 -19.65 5.20
C ARG A 186 -32.27 -19.12 6.47
N TYR A 187 -31.00 -19.45 6.68
CA TYR A 187 -30.25 -18.95 7.82
C TYR A 187 -28.82 -18.71 7.38
N PRO A 188 -28.09 -17.82 8.08
CA PRO A 188 -26.69 -17.56 7.70
C PRO A 188 -25.93 -18.88 7.46
N GLU A 189 -26.05 -19.83 8.38
CA GLU A 189 -25.36 -21.13 8.25
C GLU A 189 -25.45 -21.79 6.88
N ASP A 190 -26.61 -21.63 6.25
CA ASP A 190 -26.87 -22.23 4.97
C ASP A 190 -25.87 -21.87 3.85
N LEU A 191 -25.38 -20.62 3.88
CA LEU A 191 -24.49 -20.12 2.90
C LEU A 191 -23.27 -20.97 2.89
N SER A 192 -23.05 -21.71 3.95
CA SER A 192 -21.83 -22.51 3.95
C SER A 192 -21.91 -23.68 3.00
N TYR A 193 -23.12 -24.16 2.74
CA TYR A 193 -23.20 -25.26 1.81
C TYR A 193 -24.17 -25.09 0.61
N ILE A 194 -25.01 -24.05 0.60
CA ILE A 194 -25.89 -23.90 -0.56
C ILE A 194 -25.24 -22.91 -1.58
N ARG A 195 -24.32 -23.47 -2.37
CA ARG A 195 -23.48 -22.77 -3.35
C ARG A 195 -23.43 -23.56 -4.65
N PRO A 196 -22.89 -23.00 -5.77
CA PRO A 196 -22.93 -23.92 -6.93
C PRO A 196 -22.06 -25.20 -6.72
N ASN A 197 -20.87 -25.01 -6.13
CA ASN A 197 -20.02 -26.14 -5.77
C ASN A 197 -19.21 -26.89 -6.82
N THR A 198 -19.68 -26.90 -8.04
CA THR A 198 -19.02 -27.61 -9.09
C THR A 198 -17.84 -26.93 -9.75
N TYR A 199 -17.07 -27.77 -10.46
CA TYR A 199 -15.88 -27.34 -11.21
C TYR A 199 -16.40 -26.48 -12.31
N GLU A 200 -17.44 -27.02 -12.93
CA GLU A 200 -18.24 -26.36 -13.95
C GLU A 200 -18.42 -24.89 -13.56
N TYR A 201 -19.02 -24.64 -12.39
CA TYR A 201 -19.26 -23.26 -12.02
C TYR A 201 -17.97 -22.45 -11.76
N ALA A 202 -16.94 -23.09 -11.25
CA ALA A 202 -15.75 -22.30 -11.02
C ALA A 202 -15.23 -21.82 -12.40
N ASP A 203 -15.41 -22.63 -13.44
CA ASP A 203 -14.96 -22.26 -14.75
C ASP A 203 -15.83 -21.14 -15.31
N TYR A 204 -17.17 -21.26 -15.09
CA TYR A 204 -18.17 -20.29 -15.55
C TYR A 204 -17.81 -18.90 -15.01
N ALA A 205 -17.64 -18.76 -13.69
CA ALA A 205 -17.25 -17.49 -13.06
C ALA A 205 -15.96 -16.94 -13.68
N TYR A 206 -14.94 -17.79 -13.85
CA TYR A 206 -13.66 -17.39 -14.45
C TYR A 206 -13.86 -16.80 -15.84
N LYS A 207 -14.55 -17.59 -16.65
CA LYS A 207 -14.75 -17.16 -18.02
C LYS A 207 -15.59 -15.93 -18.03
N GLN A 208 -16.53 -15.83 -17.11
CA GLN A 208 -17.38 -14.65 -17.24
C GLN A 208 -16.67 -13.37 -16.87
N VAL A 209 -15.85 -13.41 -15.80
CA VAL A 209 -15.12 -12.23 -15.45
C VAL A 209 -14.05 -12.00 -16.52
N MET A 210 -13.41 -13.06 -17.02
CA MET A 210 -12.42 -12.86 -18.06
C MET A 210 -13.02 -12.03 -19.22
N GLU A 211 -14.24 -12.42 -19.62
CA GLU A 211 -14.97 -11.79 -20.69
C GLU A 211 -15.29 -10.35 -20.28
N LEU A 212 -15.80 -10.11 -19.07
CA LEU A 212 -16.01 -8.72 -18.69
C LEU A 212 -14.67 -7.97 -18.86
N VAL A 213 -13.56 -8.54 -18.43
CA VAL A 213 -12.28 -7.89 -18.59
C VAL A 213 -11.96 -7.70 -20.12
N ASP A 214 -12.11 -8.74 -20.96
CA ASP A 214 -11.80 -8.51 -22.39
C ASP A 214 -12.69 -7.47 -23.07
N LEU A 215 -14.01 -7.59 -22.94
CA LEU A 215 -14.95 -6.66 -23.56
C LEU A 215 -14.99 -5.21 -23.07
N TYR A 216 -14.74 -4.96 -21.78
CA TYR A 216 -14.89 -3.60 -21.23
C TYR A 216 -13.80 -3.09 -20.32
N LEU A 217 -12.77 -3.91 -20.13
CA LEU A 217 -11.62 -3.61 -19.27
C LEU A 217 -12.07 -2.66 -18.20
N PRO A 218 -12.84 -3.11 -17.20
CA PRO A 218 -13.30 -2.18 -16.15
C PRO A 218 -12.24 -1.64 -15.22
N ASP A 219 -12.55 -0.48 -14.60
CA ASP A 219 -11.65 0.18 -13.66
C ASP A 219 -11.64 -0.46 -12.30
N VAL A 220 -12.67 -1.24 -12.04
CA VAL A 220 -12.81 -1.95 -10.80
C VAL A 220 -13.49 -3.30 -11.02
N LEU A 221 -12.95 -4.34 -10.37
CA LEU A 221 -13.54 -5.66 -10.40
C LEU A 221 -14.13 -5.78 -9.01
N TRP A 222 -15.43 -5.63 -8.86
CA TRP A 222 -16.02 -5.68 -7.53
C TRP A 222 -16.76 -7.00 -7.34
N ASN A 223 -16.12 -8.03 -6.84
CA ASN A 223 -16.82 -9.30 -6.63
C ASN A 223 -17.71 -9.35 -5.34
N ASP A 224 -18.70 -10.22 -5.32
CA ASP A 224 -19.48 -10.32 -4.12
C ASP A 224 -19.59 -11.78 -3.67
N MET A 225 -19.76 -11.96 -2.37
CA MET A 225 -20.00 -13.24 -1.77
C MET A 225 -18.95 -14.30 -1.90
N GLY A 226 -17.74 -13.87 -2.16
CA GLY A 226 -16.68 -14.86 -2.17
C GLY A 226 -16.47 -15.45 -3.53
N TRP A 227 -15.37 -16.16 -3.73
CA TRP A 227 -15.08 -16.77 -5.03
C TRP A 227 -15.10 -18.26 -4.80
N PRO A 228 -15.74 -19.01 -5.71
CA PRO A 228 -15.83 -20.49 -5.61
C PRO A 228 -14.49 -21.15 -5.20
N GLU A 229 -14.51 -21.89 -4.08
CA GLU A 229 -13.31 -22.53 -3.55
C GLU A 229 -12.44 -23.25 -4.62
N LYS A 230 -13.09 -24.01 -5.50
CA LYS A 230 -12.37 -24.74 -6.55
C LYS A 230 -11.79 -23.81 -7.56
N GLY A 231 -12.13 -22.53 -7.44
CA GLY A 231 -11.64 -21.56 -8.40
C GLY A 231 -10.72 -20.52 -7.81
N LYS A 232 -10.57 -20.45 -6.50
CA LYS A 232 -9.67 -19.44 -5.92
C LYS A 232 -8.29 -19.25 -6.53
N GLU A 233 -7.61 -20.33 -6.95
CA GLU A 233 -6.29 -20.18 -7.54
C GLU A 233 -6.31 -19.55 -8.94
N ASP A 234 -7.44 -19.63 -9.64
CA ASP A 234 -7.50 -19.04 -10.96
C ASP A 234 -7.23 -17.57 -10.88
N LEU A 235 -7.60 -16.96 -9.75
CA LEU A 235 -7.43 -15.53 -9.56
C LEU A 235 -6.00 -15.01 -9.63
N LYS A 236 -5.02 -15.87 -9.44
CA LYS A 236 -3.67 -15.33 -9.54
C LYS A 236 -3.49 -14.96 -10.99
N TYR A 237 -3.91 -15.89 -11.84
CA TYR A 237 -3.86 -15.69 -13.27
C TYR A 237 -4.78 -14.56 -13.72
N LEU A 238 -6.02 -14.48 -13.19
CA LEU A 238 -6.92 -13.42 -13.63
C LEU A 238 -6.42 -12.02 -13.21
N PHE A 239 -5.97 -11.86 -11.95
CA PHE A 239 -5.48 -10.55 -11.48
C PHE A 239 -4.27 -10.08 -12.29
N ALA A 240 -3.35 -11.00 -12.62
CA ALA A 240 -2.16 -10.65 -13.40
C ALA A 240 -2.57 -10.23 -14.78
N TYR A 241 -3.53 -10.96 -15.34
CA TYR A 241 -4.03 -10.70 -16.68
C TYR A 241 -4.67 -9.33 -16.76
N TYR A 242 -5.57 -9.07 -15.82
CA TYR A 242 -6.27 -7.79 -15.71
C TYR A 242 -5.31 -6.60 -15.49
N TYR A 243 -4.43 -6.72 -14.48
CA TYR A 243 -3.45 -5.70 -14.16
C TYR A 243 -2.49 -5.50 -15.32
N ASN A 244 -2.11 -6.57 -16.02
CA ASN A 244 -1.21 -6.33 -17.12
C ASN A 244 -1.90 -5.62 -18.27
N LYS A 245 -3.22 -5.76 -18.42
CA LYS A 245 -3.93 -5.07 -19.48
C LYS A 245 -4.27 -3.69 -18.99
N HIS A 246 -4.47 -3.54 -17.67
CA HIS A 246 -4.88 -2.25 -17.10
C HIS A 246 -4.31 -2.02 -15.69
N PRO A 247 -3.04 -1.63 -15.62
CA PRO A 247 -2.37 -1.38 -14.34
C PRO A 247 -3.16 -0.57 -13.38
N GLU A 248 -3.83 0.47 -13.87
CA GLU A 248 -4.59 1.34 -13.00
C GLU A 248 -5.96 0.80 -12.54
N GLY A 249 -6.27 -0.44 -12.86
CA GLY A 249 -7.53 -1.04 -12.39
C GLY A 249 -7.46 -1.41 -10.90
N SER A 250 -8.52 -1.98 -10.35
CA SER A 250 -8.51 -2.35 -8.96
C SER A 250 -9.50 -3.49 -8.67
N VAL A 251 -9.31 -4.18 -7.55
CA VAL A 251 -10.21 -5.24 -7.17
C VAL A 251 -10.63 -5.02 -5.72
N ASN A 252 -11.83 -5.48 -5.33
CA ASN A 252 -12.24 -5.32 -3.95
C ASN A 252 -11.81 -6.54 -3.06
N ASP A 253 -12.33 -6.65 -1.84
CA ASP A 253 -11.92 -7.68 -0.92
C ASP A 253 -12.84 -8.84 -0.70
N ARG A 254 -13.78 -9.03 -1.60
CA ARG A 254 -14.74 -10.09 -1.43
C ARG A 254 -14.45 -11.34 -2.22
N TRP A 255 -13.19 -11.73 -2.41
CA TRP A 255 -12.85 -12.91 -3.22
C TRP A 255 -12.39 -14.09 -2.39
N GLY A 256 -11.99 -13.83 -1.14
CA GLY A 256 -11.49 -14.87 -0.27
C GLY A 256 -10.10 -15.40 -0.62
N VAL A 257 -9.20 -14.55 -1.10
CA VAL A 257 -7.81 -14.95 -1.40
C VAL A 257 -6.91 -13.82 -0.90
N PRO A 258 -5.58 -14.07 -0.78
CA PRO A 258 -4.61 -13.07 -0.29
C PRO A 258 -4.62 -11.68 -0.88
N HIS A 259 -5.01 -11.48 -2.13
CA HIS A 259 -4.94 -10.15 -2.69
C HIS A 259 -6.25 -9.38 -2.73
N TRP A 260 -6.14 -8.04 -2.69
CA TRP A 260 -7.25 -7.11 -2.77
C TRP A 260 -6.59 -5.75 -2.72
N ASP A 261 -7.23 -4.71 -3.26
CA ASP A 261 -6.70 -3.35 -3.22
C ASP A 261 -7.38 -2.48 -2.20
N PHE A 262 -8.65 -2.74 -1.96
CA PHE A 262 -9.37 -1.93 -1.00
C PHE A 262 -10.43 -2.83 -0.37
N LYS A 263 -10.60 -2.70 0.93
CA LYS A 263 -11.56 -3.47 1.67
C LYS A 263 -12.92 -2.80 1.52
N THR A 264 -13.98 -3.47 1.98
CA THR A 264 -15.32 -2.89 1.90
C THR A 264 -15.98 -2.99 3.29
N ALA A 265 -17.08 -2.27 3.48
CA ALA A 265 -17.82 -2.24 4.75
C ALA A 265 -19.23 -1.98 4.28
N GLU A 266 -20.17 -2.78 4.77
CA GLU A 266 -21.55 -2.66 4.33
C GLU A 266 -22.38 -2.23 5.55
N TYR A 267 -23.37 -1.35 5.30
CA TYR A 267 -24.21 -0.84 6.39
C TYR A 267 -23.42 -0.93 7.73
N HIS A 268 -24.06 -1.42 8.78
CA HIS A 268 -23.36 -1.42 10.05
C HIS A 268 -22.17 -2.32 10.12
N VAL A 269 -22.21 -3.34 9.27
CA VAL A 269 -21.17 -4.38 9.18
C VAL A 269 -19.74 -3.94 8.74
N ASN A 270 -18.81 -3.95 9.71
CA ASN A 270 -17.38 -3.63 9.51
C ASN A 270 -17.00 -2.13 9.43
N TYR A 271 -17.82 -1.25 9.99
CA TYR A 271 -17.46 0.15 9.90
C TYR A 271 -16.24 0.57 10.76
N PRO A 272 -15.30 1.30 10.15
CA PRO A 272 -14.15 1.71 10.97
C PRO A 272 -14.53 2.86 11.93
N GLY A 273 -14.15 2.71 13.20
CA GLY A 273 -14.48 3.67 14.24
C GLY A 273 -13.60 4.88 14.12
N ASP A 274 -12.43 4.61 13.54
CA ASP A 274 -11.45 5.65 13.27
C ASP A 274 -10.51 5.25 12.11
N LEU A 275 -9.46 6.04 11.87
CA LEU A 275 -8.51 5.74 10.81
C LEU A 275 -8.07 4.26 10.91
N PRO A 276 -8.15 3.51 9.76
CA PRO A 276 -7.80 2.08 9.54
C PRO A 276 -6.39 1.70 9.00
N GLY A 277 -5.76 2.49 8.14
CA GLY A 277 -4.43 2.10 7.72
C GLY A 277 -4.35 1.48 6.34
N TYR A 278 -5.52 1.27 5.75
CA TYR A 278 -5.68 0.70 4.41
C TYR A 278 -6.87 1.37 3.73
N LYS A 279 -6.94 1.30 2.41
CA LYS A 279 -8.05 1.93 1.71
C LYS A 279 -9.29 1.03 1.78
N TRP A 280 -10.43 1.63 2.08
CA TRP A 280 -11.70 0.89 2.18
C TRP A 280 -12.83 1.75 1.52
N GLU A 281 -14.03 1.19 1.45
CA GLU A 281 -15.15 1.87 0.79
C GLU A 281 -16.44 1.37 1.48
N PHE A 282 -17.25 2.32 1.98
CA PHE A 282 -18.51 2.05 2.69
C PHE A 282 -19.52 1.97 1.60
N THR A 283 -20.56 1.20 1.75
CA THR A 283 -21.51 1.10 0.66
C THR A 283 -22.87 0.93 1.29
N ARG A 284 -23.89 1.58 0.73
CA ARG A 284 -25.28 1.41 1.22
C ARG A 284 -26.30 1.90 0.24
N GLY A 285 -27.55 1.57 0.49
CA GLY A 285 -28.57 2.06 -0.42
C GLY A 285 -28.91 3.47 0.02
N ILE A 286 -29.74 4.19 -0.76
CA ILE A 286 -30.15 5.51 -0.34
C ILE A 286 -31.19 5.16 0.71
N GLY A 287 -31.85 4.02 0.50
CA GLY A 287 -32.84 3.54 1.45
C GLY A 287 -32.26 2.22 1.92
N LEU A 288 -33.06 1.28 2.42
CA LEU A 288 -32.53 -0.02 2.88
C LEU A 288 -32.18 -1.03 1.74
N SER A 289 -33.08 -1.21 0.80
CA SER A 289 -32.80 -2.12 -0.31
C SER A 289 -31.74 -1.58 -1.32
N PHE A 290 -31.15 -2.51 -2.08
CA PHE A 290 -30.20 -2.16 -3.12
C PHE A 290 -31.03 -2.15 -4.41
N GLY A 291 -31.86 -3.16 -4.59
CA GLY A 291 -32.70 -3.18 -5.76
C GLY A 291 -33.89 -2.28 -5.43
N TYR A 292 -34.55 -1.76 -6.46
CA TYR A 292 -35.74 -0.93 -6.27
C TYR A 292 -36.78 -1.64 -5.41
N ASN A 293 -37.27 -0.96 -4.40
CA ASN A 293 -38.28 -1.53 -3.51
C ASN A 293 -39.45 -0.54 -3.54
N ARG A 294 -40.58 -0.88 -4.17
CA ARG A 294 -41.71 0.05 -4.20
C ARG A 294 -42.22 0.40 -2.79
N ASN A 295 -42.09 -0.50 -1.82
CA ASN A 295 -42.50 -0.18 -0.46
C ASN A 295 -41.66 0.91 0.26
N GLU A 296 -40.50 1.24 -0.24
CA GLU A 296 -39.77 2.22 0.52
C GLU A 296 -40.23 3.57 0.11
N GLY A 297 -40.51 4.38 1.13
CA GLY A 297 -40.92 5.77 0.97
C GLY A 297 -39.82 6.56 1.65
N PRO A 298 -39.95 7.89 1.73
CA PRO A 298 -38.94 8.73 2.36
C PRO A 298 -38.59 8.36 3.79
N GLU A 299 -39.54 7.78 4.50
CA GLU A 299 -39.31 7.33 5.88
C GLU A 299 -38.07 6.43 5.89
N HIS A 300 -37.90 5.64 4.83
CA HIS A 300 -36.78 4.70 4.77
C HIS A 300 -35.50 5.14 4.12
N MET A 301 -35.49 6.39 3.65
CA MET A 301 -34.32 6.91 2.95
C MET A 301 -33.53 7.93 3.77
N LEU A 302 -32.28 8.14 3.38
CA LEU A 302 -31.47 9.12 4.06
C LEU A 302 -31.83 10.47 3.44
N SER A 303 -31.48 11.54 4.15
CA SER A 303 -31.72 12.88 3.68
C SER A 303 -30.43 13.49 3.13
N VAL A 304 -30.56 14.46 2.22
CA VAL A 304 -29.39 15.13 1.68
C VAL A 304 -28.42 15.39 2.84
N GLU A 305 -28.97 15.87 3.95
CA GLU A 305 -28.18 16.21 5.13
C GLU A 305 -27.39 15.00 5.62
N GLN A 306 -28.11 13.89 5.79
CA GLN A 306 -27.53 12.63 6.27
C GLN A 306 -26.51 12.03 5.28
N LEU A 307 -26.80 12.18 3.97
CA LEU A 307 -25.86 11.69 2.95
C LEU A 307 -24.53 12.46 3.09
N VAL A 308 -24.62 13.78 3.09
CA VAL A 308 -23.44 14.61 3.21
C VAL A 308 -22.71 14.21 4.51
N TYR A 309 -23.43 14.15 5.60
CA TYR A 309 -22.77 13.78 6.83
C TYR A 309 -22.08 12.44 6.63
N THR A 310 -22.75 11.50 5.95
CA THR A 310 -22.14 10.19 5.70
C THR A 310 -20.80 10.30 4.95
N LEU A 311 -20.85 10.78 3.71
CA LEU A 311 -19.65 10.96 2.92
C LEU A 311 -18.55 11.67 3.73
N VAL A 312 -18.87 12.72 4.47
CA VAL A 312 -17.78 13.39 5.18
C VAL A 312 -17.11 12.46 6.19
N ASP A 313 -17.93 11.77 7.00
CA ASP A 313 -17.42 10.82 7.99
C ASP A 313 -16.55 9.75 7.36
N VAL A 314 -17.10 9.13 6.31
CA VAL A 314 -16.44 8.05 5.56
C VAL A 314 -15.14 8.56 4.94
N VAL A 315 -15.21 9.75 4.33
CA VAL A 315 -14.02 10.33 3.71
C VAL A 315 -12.95 10.75 4.70
N SER A 316 -13.30 11.24 5.87
CA SER A 316 -12.30 11.67 6.85
C SER A 316 -11.62 10.47 7.49
N LYS A 317 -12.19 9.28 7.31
CA LYS A 317 -11.60 8.07 7.90
C LYS A 317 -10.85 7.27 6.80
N GLY A 318 -10.54 7.94 5.70
CA GLY A 318 -9.83 7.31 4.62
C GLY A 318 -10.66 6.55 3.64
N GLY A 319 -11.97 6.43 3.84
CA GLY A 319 -12.77 5.66 2.88
C GLY A 319 -13.30 6.39 1.67
N ASN A 320 -14.10 5.68 0.85
CA ASN A 320 -14.83 6.18 -0.35
C ASN A 320 -16.27 5.77 -0.02
N LEU A 321 -17.27 6.47 -0.52
CA LEU A 321 -18.65 6.08 -0.23
C LEU A 321 -19.23 5.58 -1.51
N LEU A 322 -19.58 4.30 -1.56
CA LEU A 322 -20.22 3.73 -2.77
C LEU A 322 -21.74 3.68 -2.54
N LEU A 323 -22.42 4.77 -2.95
CA LEU A 323 -23.87 4.96 -2.77
C LEU A 323 -24.68 4.21 -3.79
N ASN A 324 -25.66 3.45 -3.33
CA ASN A 324 -26.38 2.63 -4.27
C ASN A 324 -27.65 3.19 -4.82
N VAL A 325 -27.83 3.12 -6.13
CA VAL A 325 -29.08 3.54 -6.73
C VAL A 325 -29.81 2.27 -7.24
N GLY A 326 -31.13 2.21 -7.11
CA GLY A 326 -31.85 1.04 -7.61
C GLY A 326 -32.95 1.41 -8.63
N PRO A 327 -32.64 1.38 -9.96
CA PRO A 327 -33.57 1.70 -11.07
C PRO A 327 -34.79 0.84 -11.11
N LYS A 328 -35.77 1.29 -11.89
CA LYS A 328 -37.03 0.57 -12.10
C LYS A 328 -36.91 -0.38 -13.30
N GLY A 329 -37.77 -1.35 -13.36
CA GLY A 329 -37.72 -2.28 -14.50
C GLY A 329 -37.65 -1.63 -15.87
N ASP A 330 -38.21 -0.44 -16.02
CA ASP A 330 -38.21 0.25 -17.30
C ASP A 330 -37.00 1.15 -17.60
N GLY A 331 -36.02 1.15 -16.69
CA GLY A 331 -34.85 1.95 -16.88
C GLY A 331 -34.89 3.37 -16.32
N THR A 332 -35.89 3.66 -15.50
CA THR A 332 -36.02 4.99 -14.95
C THR A 332 -35.54 5.04 -13.53
N ILE A 333 -35.01 6.16 -13.11
CA ILE A 333 -34.53 6.28 -11.73
C ILE A 333 -35.56 7.00 -10.83
N PRO A 334 -36.21 6.28 -9.93
CA PRO A 334 -37.21 6.89 -9.04
C PRO A 334 -36.82 8.28 -8.54
N ASP A 335 -37.73 9.24 -8.61
CA ASP A 335 -37.43 10.63 -8.18
C ASP A 335 -36.94 10.81 -6.74
N LEU A 336 -37.42 10.00 -5.83
CA LEU A 336 -36.99 10.11 -4.47
C LEU A 336 -35.48 9.93 -4.49
N GLN A 337 -35.00 8.98 -5.29
CA GLN A 337 -33.57 8.72 -5.38
C GLN A 337 -32.84 9.78 -6.21
N LYS A 338 -33.49 10.23 -7.27
CA LYS A 338 -32.88 11.21 -8.09
C LYS A 338 -32.73 12.51 -7.32
N GLU A 339 -33.69 12.85 -6.48
CA GLU A 339 -33.58 14.13 -5.79
C GLU A 339 -32.52 14.15 -4.72
N ARG A 340 -32.27 13.00 -4.10
CA ARG A 340 -31.21 12.93 -3.08
C ARG A 340 -29.82 13.02 -3.71
N LEU A 341 -29.66 12.36 -4.87
CA LEU A 341 -28.41 12.39 -5.61
C LEU A 341 -28.09 13.80 -6.00
N LEU A 342 -29.11 14.55 -6.49
CA LEU A 342 -28.94 15.96 -6.92
C LEU A 342 -28.59 16.87 -5.73
N GLY A 343 -29.27 16.73 -4.61
CA GLY A 343 -28.92 17.55 -3.46
C GLY A 343 -27.49 17.36 -2.94
N LEU A 344 -26.96 16.13 -3.12
CA LEU A 344 -25.61 15.80 -2.69
C LEU A 344 -24.66 16.49 -3.64
N GLY A 345 -25.02 16.43 -4.91
CA GLY A 345 -24.22 17.03 -5.96
C GLY A 345 -24.01 18.49 -5.69
N GLU A 346 -25.07 19.17 -5.23
CA GLU A 346 -24.98 20.58 -4.92
C GLU A 346 -24.02 20.91 -3.80
N TRP A 347 -24.08 20.16 -2.69
CA TRP A 347 -23.15 20.40 -1.56
C TRP A 347 -21.69 20.16 -2.01
N LEU A 348 -21.52 19.26 -2.99
CA LEU A 348 -20.20 18.93 -3.50
C LEU A 348 -19.71 19.99 -4.51
N ARG A 349 -20.61 20.56 -5.32
CA ARG A 349 -20.21 21.63 -6.24
C ARG A 349 -19.71 22.75 -5.37
N LYS A 350 -20.35 22.90 -4.23
CA LYS A 350 -19.98 23.93 -3.29
C LYS A 350 -18.76 23.59 -2.39
N TYR A 351 -18.62 22.34 -1.92
CA TYR A 351 -17.52 22.01 -0.98
C TYR A 351 -16.51 20.93 -1.44
N GLY A 352 -16.69 20.49 -2.70
CA GLY A 352 -15.83 19.50 -3.29
C GLY A 352 -14.40 19.57 -2.77
N ASP A 353 -13.79 20.75 -2.85
CA ASP A 353 -12.44 20.96 -2.39
C ASP A 353 -12.07 20.48 -1.01
N ALA A 354 -13.02 20.41 -0.10
CA ALA A 354 -12.68 19.87 1.22
C ALA A 354 -12.84 18.30 1.17
N ILE A 355 -13.40 17.78 0.09
CA ILE A 355 -13.59 16.36 -0.02
C ILE A 355 -12.69 15.64 -1.04
N TYR A 356 -12.83 15.94 -2.35
CA TYR A 356 -12.01 15.24 -3.36
C TYR A 356 -10.50 15.40 -3.15
N GLY A 357 -9.75 14.40 -3.62
CA GLY A 357 -8.31 14.45 -3.53
C GLY A 357 -7.75 14.67 -2.15
N THR A 358 -8.53 14.40 -1.12
CA THR A 358 -8.00 14.60 0.22
C THR A 358 -7.35 13.38 0.87
N SER A 359 -6.68 13.61 2.01
CA SER A 359 -5.98 12.57 2.80
C SER A 359 -6.39 12.77 4.22
N VAL A 360 -6.39 11.69 4.98
CA VAL A 360 -6.75 11.77 6.38
C VAL A 360 -5.74 12.67 7.05
N TRP A 361 -6.14 13.28 8.15
CA TRP A 361 -5.26 14.15 8.89
C TRP A 361 -4.77 13.26 10.04
N GLU A 362 -4.24 13.85 11.11
CA GLU A 362 -3.81 13.00 12.21
C GLU A 362 -4.95 12.28 12.89
N ARG A 363 -6.14 12.87 12.85
CA ARG A 363 -7.33 12.27 13.45
C ARG A 363 -8.48 12.68 12.59
N CYS A 364 -9.52 11.86 12.66
CA CYS A 364 -10.67 12.07 11.83
C CYS A 364 -11.68 12.91 12.49
N CYS A 365 -11.64 12.87 13.82
CA CYS A 365 -12.74 13.41 14.56
C CYS A 365 -12.57 14.35 15.71
N ALA A 366 -13.65 15.04 16.05
CA ALA A 366 -13.63 15.98 17.16
C ALA A 366 -15.07 16.47 17.37
N LYS A 367 -15.33 17.17 18.47
CA LYS A 367 -16.69 17.68 18.68
C LYS A 367 -16.68 18.99 19.46
N THR A 368 -17.77 19.75 19.28
CA THR A 368 -17.96 21.03 19.97
C THR A 368 -18.50 20.86 21.41
N GLU A 369 -18.27 21.89 22.23
CA GLU A 369 -18.74 21.93 23.62
C GLU A 369 -20.19 21.45 23.70
N ASP A 370 -21.01 21.89 22.76
CA ASP A 370 -22.41 21.50 22.76
C ASP A 370 -22.70 20.34 21.83
N GLY A 371 -21.70 19.46 21.69
CA GLY A 371 -21.84 18.25 20.88
C GLY A 371 -21.93 18.21 19.35
N THR A 372 -21.63 19.29 18.65
CA THR A 372 -21.70 19.19 17.20
C THR A 372 -20.48 18.35 16.82
N GLU A 373 -20.70 17.36 15.95
CA GLU A 373 -19.57 16.53 15.57
C GLU A 373 -18.73 17.29 14.51
N ILE A 374 -17.46 16.95 14.46
CA ILE A 374 -16.52 17.59 13.57
C ILE A 374 -15.61 16.55 12.96
N ARG A 375 -15.48 16.63 11.64
CA ARG A 375 -14.61 15.75 10.86
C ARG A 375 -13.47 16.54 10.16
N PHE A 376 -12.28 15.96 10.10
CA PHE A 376 -11.13 16.59 9.42
C PHE A 376 -10.67 15.96 8.07
N THR A 377 -9.99 16.73 7.25
CA THR A 377 -9.40 16.19 6.04
C THR A 377 -8.22 17.10 5.75
N ARG A 378 -7.26 16.56 5.02
CA ARG A 378 -6.01 17.23 4.70
C ARG A 378 -5.82 17.43 3.21
N LYS A 379 -4.95 18.35 2.89
CA LYS A 379 -4.61 18.61 1.51
C LYS A 379 -3.31 19.35 1.73
N CYS A 380 -2.23 18.58 1.79
CA CYS A 380 -0.89 19.09 2.05
C CYS A 380 -0.95 19.73 3.41
N ASN A 381 -0.65 21.02 3.45
CA ASN A 381 -0.67 21.80 4.69
C ASN A 381 -2.11 22.27 5.07
N ARG A 382 -2.98 22.43 4.06
CA ARG A 382 -4.38 22.84 4.26
C ARG A 382 -5.21 21.78 5.00
N ILE A 383 -5.73 22.12 6.17
CA ILE A 383 -6.53 21.21 6.96
C ILE A 383 -7.98 21.63 7.01
N PHE A 384 -8.87 20.91 6.34
CA PHE A 384 -10.28 21.28 6.34
C PHE A 384 -11.00 20.81 7.61
N VAL A 385 -11.75 21.71 8.25
CA VAL A 385 -12.50 21.37 9.45
C VAL A 385 -13.97 21.41 9.06
N ILE A 386 -14.64 20.26 9.15
CA ILE A 386 -16.05 20.16 8.76
C ILE A 386 -16.94 19.80 9.95
N PHE A 387 -17.86 20.70 10.27
CA PHE A 387 -18.85 20.57 11.34
C PHE A 387 -20.03 19.81 10.71
N LEU A 388 -20.55 18.79 11.36
CA LEU A 388 -21.66 18.09 10.71
C LEU A 388 -22.91 18.92 11.06
N GLY A 389 -23.04 20.02 10.34
CA GLY A 389 -24.13 20.95 10.60
C GLY A 389 -23.55 22.32 10.90
N ILE A 390 -24.41 23.34 11.00
CA ILE A 390 -23.95 24.73 11.26
C ILE A 390 -24.31 25.28 12.64
N PRO A 391 -23.30 25.49 13.48
CA PRO A 391 -23.50 26.03 14.82
C PRO A 391 -24.30 27.37 14.77
N THR A 392 -25.22 27.56 15.73
CA THR A 392 -26.05 28.79 15.80
C THR A 392 -25.28 29.97 16.40
N GLY A 393 -24.51 29.66 17.43
CA GLY A 393 -23.72 30.70 18.08
C GLY A 393 -22.63 31.28 17.22
N GLU A 394 -21.69 32.00 17.82
CA GLU A 394 -20.56 32.57 17.10
C GLU A 394 -19.26 32.15 17.82
N LYS A 395 -19.35 31.99 19.14
CA LYS A 395 -18.20 31.55 19.88
C LYS A 395 -18.32 30.06 19.68
N ILE A 396 -17.28 29.46 19.13
CA ILE A 396 -17.36 28.05 18.92
C ILE A 396 -16.25 27.41 19.72
N VAL A 397 -16.59 26.42 20.55
CA VAL A 397 -15.54 25.75 21.30
C VAL A 397 -15.37 24.30 20.84
N ILE A 398 -14.15 23.98 20.41
CA ILE A 398 -13.79 22.65 19.96
C ILE A 398 -13.03 21.96 21.11
N GLU A 399 -13.64 20.90 21.64
CA GLU A 399 -13.02 20.20 22.73
C GLU A 399 -11.81 19.37 22.28
N ASP A 400 -10.78 19.35 23.12
CA ASP A 400 -9.55 18.58 22.90
C ASP A 400 -8.89 18.79 21.57
N LEU A 401 -8.37 19.99 21.35
CA LEU A 401 -7.70 20.28 20.09
C LEU A 401 -6.98 21.61 20.11
N ASN A 402 -5.67 21.56 20.05
CA ASN A 402 -4.94 22.81 19.99
C ASN A 402 -4.58 22.92 18.49
N LEU A 403 -4.14 24.09 18.07
CA LEU A 403 -3.70 24.28 16.70
C LEU A 403 -2.38 24.95 16.80
N SER A 404 -1.54 24.63 15.84
CA SER A 404 -0.20 25.19 15.70
C SER A 404 -0.20 25.68 14.27
N ALA A 405 -1.19 26.51 13.95
CA ALA A 405 -1.30 27.03 12.60
C ALA A 405 -1.14 28.54 12.56
N GLY A 406 -1.97 29.24 13.32
CA GLY A 406 -1.89 30.68 13.28
C GLY A 406 -2.89 31.23 12.28
N THR A 407 -3.19 30.51 11.19
CA THR A 407 -4.18 31.06 10.25
C THR A 407 -5.37 30.20 9.82
N VAL A 408 -6.50 30.34 10.53
CA VAL A 408 -7.79 29.65 10.30
C VAL A 408 -8.71 30.55 9.47
N ARG A 409 -9.15 30.13 8.30
CA ARG A 409 -10.02 30.96 7.44
C ARG A 409 -11.35 30.26 7.30
N HIS A 410 -12.38 31.00 6.86
CA HIS A 410 -13.73 30.46 6.69
C HIS A 410 -13.72 29.98 5.26
N PHE A 411 -13.89 28.67 5.07
CA PHE A 411 -13.82 28.06 3.74
C PHE A 411 -14.58 28.68 2.58
N LEU A 412 -15.87 28.90 2.72
CA LEU A 412 -16.57 29.42 1.58
C LEU A 412 -16.31 30.89 1.19
N THR A 413 -15.73 31.67 2.11
CA THR A 413 -15.46 33.08 1.83
C THR A 413 -13.97 33.37 1.90
N GLY A 414 -13.23 32.53 2.61
CA GLY A 414 -11.80 32.72 2.73
C GLY A 414 -11.50 33.78 3.76
N GLU A 415 -12.56 34.34 4.32
CA GLU A 415 -12.42 35.37 5.34
C GLU A 415 -11.67 34.88 6.58
N ARG A 416 -10.54 35.53 6.86
CA ARG A 416 -9.76 35.16 8.02
C ARG A 416 -10.65 35.23 9.30
N LEU A 417 -10.37 34.40 10.30
CA LEU A 417 -11.18 34.39 11.53
C LEU A 417 -10.25 34.43 12.74
N SER A 418 -10.83 34.79 13.88
CA SER A 418 -10.07 34.93 15.10
C SER A 418 -10.09 33.66 15.88
N PHE A 419 -8.93 33.24 16.38
CA PHE A 419 -8.86 32.00 17.16
C PHE A 419 -7.65 31.98 18.10
N LYS A 420 -7.78 31.20 19.17
CA LYS A 420 -6.73 31.04 20.13
C LYS A 420 -6.97 29.74 20.90
N ASN A 421 -5.86 29.20 21.42
CA ASN A 421 -5.87 27.97 22.20
C ASN A 421 -6.19 28.28 23.64
N VAL A 422 -7.36 27.83 24.09
CA VAL A 422 -7.87 27.99 25.44
C VAL A 422 -7.77 26.67 26.27
N GLY A 423 -6.56 26.28 26.68
CA GLY A 423 -6.40 25.04 27.42
C GLY A 423 -6.46 23.87 26.45
N LYS A 424 -6.98 22.73 26.89
CA LYS A 424 -7.06 21.56 26.00
C LYS A 424 -8.00 21.84 24.81
N ASN A 425 -8.49 23.07 24.73
CA ASN A 425 -9.42 23.48 23.68
C ASN A 425 -9.02 24.54 22.70
N LEU A 426 -9.83 24.68 21.66
CA LEU A 426 -9.61 25.66 20.61
C LEU A 426 -10.86 26.46 20.53
N GLU A 427 -10.69 27.76 20.41
CA GLU A 427 -11.82 28.65 20.33
C GLU A 427 -11.71 29.52 19.08
N ILE A 428 -12.79 29.63 18.35
CA ILE A 428 -12.79 30.38 17.11
C ILE A 428 -14.08 31.18 17.08
N THR A 429 -14.07 32.33 16.41
CA THR A 429 -15.28 33.12 16.35
C THR A 429 -15.76 33.25 14.91
N VAL A 430 -16.85 32.58 14.62
CA VAL A 430 -17.37 32.67 13.30
C VAL A 430 -18.52 33.66 13.34
N PRO A 431 -18.40 34.76 12.56
CA PRO A 431 -19.38 35.84 12.42
C PRO A 431 -20.62 35.29 11.77
N LYS A 432 -21.78 35.55 12.36
CA LYS A 432 -23.00 35.03 11.78
C LYS A 432 -23.24 35.41 10.28
N LYS A 433 -22.63 36.46 9.73
CA LYS A 433 -22.93 36.69 8.32
C LYS A 433 -22.42 35.46 7.55
N LEU A 434 -21.26 34.95 7.96
CA LEU A 434 -20.60 33.77 7.38
C LEU A 434 -21.37 32.46 7.66
N LEU A 435 -21.66 32.19 8.94
CA LEU A 435 -22.45 31.03 9.29
C LEU A 435 -23.73 30.98 8.48
N GLU A 436 -24.27 32.12 8.06
CA GLU A 436 -25.49 32.07 7.27
C GLU A 436 -25.21 31.70 5.85
N THR A 437 -23.96 31.77 5.41
CA THR A 437 -23.69 31.40 4.00
C THR A 437 -23.52 29.90 3.74
N ASP A 438 -22.99 29.21 4.73
CA ASP A 438 -22.78 27.80 4.61
C ASP A 438 -24.06 27.06 4.38
N SER A 439 -24.01 25.97 3.59
CA SER A 439 -25.20 25.18 3.30
C SER A 439 -25.49 24.10 4.34
N ILE A 440 -24.91 22.91 4.25
CA ILE A 440 -25.33 21.93 5.29
C ILE A 440 -24.30 21.80 6.40
N THR A 441 -23.10 22.32 6.12
CA THR A 441 -21.98 22.15 7.05
C THR A 441 -21.07 23.39 7.16
N LEU A 442 -20.78 23.83 8.38
CA LEU A 442 -19.85 24.92 8.51
C LEU A 442 -18.49 24.34 8.22
N VAL A 443 -17.80 24.86 7.20
CA VAL A 443 -16.45 24.38 6.86
C VAL A 443 -15.37 25.43 7.11
N LEU A 444 -14.39 25.10 7.93
CA LEU A 444 -13.30 26.02 8.19
C LEU A 444 -12.07 25.35 7.58
N GLU A 445 -11.15 26.17 7.09
CA GLU A 445 -9.94 25.74 6.44
C GLU A 445 -8.79 26.30 7.24
N ALA A 446 -7.91 25.47 7.77
CA ALA A 446 -6.76 25.99 8.54
C ALA A 446 -5.47 25.69 7.80
N VAL A 447 -4.46 26.47 8.07
CA VAL A 447 -3.20 26.30 7.39
C VAL A 447 -2.09 26.48 8.39
N GLU A 448 -1.72 25.37 9.03
CA GLU A 448 -0.65 25.40 10.01
C GLU A 448 0.74 25.44 9.32
N ARG B 7 -7.10 -6.19 15.99
CA ARG B 7 -5.70 -6.67 15.67
C ARG B 7 -5.54 -7.37 14.28
N TYR B 8 -4.35 -7.89 13.97
CA TYR B 8 -4.17 -8.61 12.70
C TYR B 8 -4.46 -10.11 12.94
N LYS B 9 -5.05 -10.79 11.94
CA LYS B 9 -5.36 -12.24 12.06
C LYS B 9 -4.25 -12.98 11.36
N PRO B 10 -3.97 -14.21 11.80
CA PRO B 10 -2.89 -14.97 11.16
C PRO B 10 -3.21 -15.53 9.78
N ASP B 11 -3.42 -14.63 8.86
CA ASP B 11 -3.64 -15.03 7.51
C ASP B 11 -3.27 -13.96 6.49
N TRP B 12 -2.78 -14.42 5.35
CA TRP B 12 -2.34 -13.49 4.32
C TRP B 12 -3.35 -12.41 3.99
N GLU B 13 -4.64 -12.73 3.81
CA GLU B 13 -5.62 -11.66 3.49
C GLU B 13 -5.59 -10.63 4.59
N SER B 14 -5.70 -11.02 5.84
CA SER B 14 -5.68 -10.06 6.92
C SER B 14 -4.40 -9.24 7.02
N LEU B 15 -3.26 -9.91 6.93
CA LEU B 15 -1.95 -9.25 6.97
C LEU B 15 -1.73 -8.21 5.89
N ARG B 16 -2.41 -8.37 4.75
CA ARG B 16 -2.29 -7.41 3.65
C ARG B 16 -2.64 -6.01 4.18
N GLU B 17 -3.59 -5.96 5.14
CA GLU B 17 -4.03 -4.74 5.80
C GLU B 17 -2.86 -3.93 6.30
N HIS B 18 -1.71 -4.55 6.51
CA HIS B 18 -0.56 -3.82 7.01
C HIS B 18 0.34 -3.31 5.90
N THR B 19 0.52 -2.00 5.81
CA THR B 19 1.39 -1.48 4.78
C THR B 19 2.64 -0.88 5.38
N VAL B 20 3.64 -0.63 4.55
CA VAL B 20 4.89 -0.14 5.09
C VAL B 20 4.63 1.11 5.91
N PRO B 21 5.10 1.15 7.17
CA PRO B 21 4.89 2.33 8.00
C PRO B 21 5.46 3.63 7.37
N LYS B 22 4.93 4.80 7.77
CA LYS B 22 5.41 6.11 7.25
C LYS B 22 6.88 6.41 7.56
N TRP B 23 7.30 6.02 8.76
CA TRP B 23 8.65 6.24 9.20
C TRP B 23 9.64 5.57 8.25
N PHE B 24 9.38 4.33 7.85
CA PHE B 24 10.28 3.67 6.91
C PHE B 24 10.23 4.39 5.55
N ASP B 25 9.03 4.70 5.04
CA ASP B 25 8.90 5.40 3.74
C ASP B 25 9.64 6.74 3.69
N LYS B 26 9.51 7.53 4.74
CA LYS B 26 10.13 8.85 4.86
C LYS B 26 11.60 8.84 5.21
N ALA B 27 12.08 7.76 5.82
CA ALA B 27 13.48 7.66 6.27
C ALA B 27 14.57 7.75 5.20
N LYS B 28 14.40 7.08 4.06
CA LYS B 28 15.35 7.14 2.95
C LYS B 28 16.73 6.57 3.05
N PHE B 29 17.36 6.71 4.21
CA PHE B 29 18.73 6.21 4.44
C PHE B 29 18.94 5.41 5.73
N GLY B 30 19.53 4.22 5.62
CA GLY B 30 19.80 3.39 6.80
C GLY B 30 21.15 2.68 6.70
N ILE B 31 21.71 2.22 7.81
CA ILE B 31 23.00 1.53 7.80
C ILE B 31 22.85 0.00 8.11
N PHE B 32 23.37 -0.86 7.22
CA PHE B 32 23.38 -2.31 7.41
C PHE B 32 24.69 -2.57 8.12
N ILE B 33 24.81 -3.63 8.90
CA ILE B 33 26.09 -3.96 9.55
C ILE B 33 26.30 -5.47 9.55
N HIS B 34 27.15 -5.92 8.66
CA HIS B 34 27.51 -7.31 8.56
C HIS B 34 28.76 -7.47 9.48
N TRP B 35 28.58 -8.04 10.66
CA TRP B 35 29.72 -8.14 11.59
C TRP B 35 29.66 -9.45 12.31
N GLY B 36 30.76 -10.20 12.28
CA GLY B 36 30.76 -11.46 13.02
C GLY B 36 32.13 -12.13 12.98
N ILE B 37 32.21 -13.41 13.38
CA ILE B 37 33.49 -14.08 13.40
C ILE B 37 34.15 -14.07 12.06
N TYR B 38 33.42 -13.80 11.01
CA TYR B 38 34.06 -13.75 9.71
C TYR B 38 34.76 -12.39 9.65
N SER B 39 34.43 -11.50 10.58
CA SER B 39 35.14 -10.24 10.56
C SER B 39 36.63 -10.42 10.97
N VAL B 40 36.94 -11.60 11.55
CA VAL B 40 38.30 -11.84 12.00
C VAL B 40 39.19 -12.18 10.80
N PRO B 41 38.99 -13.34 10.17
CA PRO B 41 39.93 -13.47 9.05
C PRO B 41 39.93 -12.22 8.17
N GLY B 42 38.79 -11.54 8.10
CA GLY B 42 38.60 -10.33 7.31
C GLY B 42 39.22 -10.32 5.92
N TRP B 43 39.08 -11.40 5.16
CA TRP B 43 39.67 -11.56 3.83
C TRP B 43 38.70 -12.10 2.73
N ALA B 44 38.87 -11.65 1.49
CA ALA B 44 38.07 -12.08 0.32
C ALA B 44 38.75 -11.54 -0.94
N THR B 45 38.72 -12.33 -2.02
CA THR B 45 39.31 -11.85 -3.24
C THR B 45 38.29 -10.88 -3.87
N PRO B 46 38.63 -9.56 -3.91
CA PRO B 46 37.75 -8.52 -4.48
C PRO B 46 37.45 -8.67 -6.00
N THR B 47 36.60 -9.64 -6.33
CA THR B 47 36.31 -9.94 -7.72
C THR B 47 35.46 -8.92 -8.48
N GLY B 48 34.38 -8.43 -7.88
CA GLY B 48 33.53 -7.48 -8.60
C GLY B 48 32.14 -7.26 -8.01
N GLU B 49 31.20 -6.90 -8.89
CA GLU B 49 29.81 -6.61 -8.45
C GLU B 49 28.78 -7.68 -8.84
N LEU B 50 27.94 -8.08 -7.88
CA LEU B 50 26.93 -9.08 -8.19
C LEU B 50 26.16 -8.57 -9.45
N GLY B 51 25.96 -9.48 -10.42
CA GLY B 51 25.28 -9.13 -11.64
C GLY B 51 26.30 -8.95 -12.77
N LYS B 52 27.58 -8.76 -12.42
CA LYS B 52 28.65 -8.60 -13.42
C LYS B 52 29.68 -9.77 -13.40
N VAL B 53 29.87 -10.37 -12.21
CA VAL B 53 30.79 -11.51 -12.08
C VAL B 53 29.94 -12.73 -12.47
N PRO B 54 30.38 -13.49 -13.51
CA PRO B 54 29.71 -14.71 -14.00
C PRO B 54 29.57 -15.70 -12.82
N MET B 55 28.33 -16.12 -12.56
CA MET B 55 28.04 -17.00 -11.44
C MET B 55 28.60 -18.45 -11.51
N ASP B 56 29.26 -18.82 -12.60
CA ASP B 56 29.86 -20.16 -12.68
C ASP B 56 31.27 -20.14 -12.05
N ALA B 57 31.75 -18.95 -11.76
CA ALA B 57 33.02 -18.77 -11.12
C ALA B 57 32.81 -18.09 -9.74
N TRP B 58 31.71 -17.32 -9.64
CA TRP B 58 31.35 -16.56 -8.45
C TRP B 58 31.65 -17.21 -7.12
N PHE B 59 31.10 -18.39 -6.82
CA PHE B 59 31.39 -18.98 -5.52
C PHE B 59 32.83 -19.40 -5.27
N PHE B 60 33.63 -19.59 -6.35
CA PHE B 60 35.04 -20.02 -6.22
C PHE B 60 35.98 -18.88 -5.99
N GLN B 61 35.57 -17.67 -6.37
CA GLN B 61 36.37 -16.46 -6.15
C GLN B 61 35.35 -15.51 -5.53
N ASN B 62 34.69 -15.99 -4.50
CA ASN B 62 33.70 -15.17 -3.82
C ASN B 62 34.33 -13.86 -3.28
N PRO B 63 33.74 -12.69 -3.64
CA PRO B 63 34.15 -11.33 -3.24
C PRO B 63 33.46 -10.85 -1.94
N TYR B 64 32.48 -11.61 -1.44
CA TYR B 64 31.73 -11.25 -0.21
C TYR B 64 32.44 -11.90 0.96
N ALA B 65 33.29 -11.15 1.65
CA ALA B 65 34.04 -11.72 2.77
C ALA B 65 33.16 -12.43 3.80
N GLU B 66 31.92 -12.03 4.02
CA GLU B 66 31.12 -12.83 4.99
C GLU B 66 30.95 -14.31 4.53
N TRP B 67 31.18 -14.62 3.24
CA TRP B 67 31.06 -15.99 2.73
C TRP B 67 32.35 -16.81 3.00
N TYR B 68 33.29 -16.31 3.79
CA TYR B 68 34.51 -17.06 4.10
C TYR B 68 34.35 -18.58 4.41
N GLU B 69 33.49 -18.98 5.32
CA GLU B 69 33.37 -20.41 5.62
C GLU B 69 32.97 -21.20 4.37
N ASN B 70 32.02 -20.70 3.62
CA ASN B 70 31.64 -21.40 2.41
C ASN B 70 32.89 -21.56 1.50
N SER B 71 33.57 -20.45 1.24
CA SER B 71 34.82 -20.43 0.50
C SER B 71 35.91 -21.38 1.09
N LEU B 72 36.06 -21.42 2.39
CA LEU B 72 37.04 -22.32 3.00
C LEU B 72 36.67 -23.77 2.76
N ARG B 73 35.38 -24.04 2.64
CA ARG B 73 34.95 -25.40 2.41
C ARG B 73 35.22 -25.90 0.95
N ILE B 74 35.55 -25.01 0.01
CA ILE B 74 35.84 -25.42 -1.38
C ILE B 74 37.36 -25.55 -1.44
N LYS B 75 37.88 -26.78 -1.34
CA LYS B 75 39.34 -26.92 -1.32
C LYS B 75 40.02 -26.28 -2.51
N GLU B 76 41.19 -25.73 -2.28
CA GLU B 76 41.90 -25.05 -3.35
C GLU B 76 40.95 -24.08 -4.01
N SER B 77 40.88 -22.93 -3.37
CA SER B 77 40.10 -21.79 -3.82
C SER B 77 40.93 -20.70 -3.15
N PRO B 78 40.96 -19.51 -3.75
CA PRO B 78 41.77 -18.51 -3.07
C PRO B 78 41.66 -18.59 -1.53
N THR B 79 40.45 -18.52 -0.99
CA THR B 79 40.27 -18.57 0.45
C THR B 79 40.94 -19.75 1.15
N TRP B 80 40.84 -20.96 0.58
CA TRP B 80 41.43 -22.15 1.17
C TRP B 80 42.96 -21.96 1.28
N GLU B 81 43.61 -21.62 0.17
CA GLU B 81 45.06 -21.37 0.20
C GLU B 81 45.37 -20.27 1.21
N TYR B 82 44.59 -19.18 1.17
CA TYR B 82 44.85 -18.12 2.10
C TYR B 82 44.74 -18.58 3.52
N HIS B 83 43.77 -19.44 3.78
CA HIS B 83 43.57 -19.89 5.12
C HIS B 83 44.69 -20.76 5.66
N VAL B 84 45.10 -21.72 4.85
CA VAL B 84 46.16 -22.64 5.26
C VAL B 84 47.48 -21.93 5.46
N LYS B 85 47.79 -21.01 4.56
CA LYS B 85 49.01 -20.27 4.74
C LYS B 85 48.98 -19.37 5.98
N THR B 86 47.87 -18.63 6.21
CA THR B 86 47.79 -17.74 7.39
C THR B 86 47.48 -18.43 8.75
N TYR B 87 46.58 -19.40 8.73
CA TYR B 87 46.16 -20.02 9.97
C TYR B 87 46.45 -21.49 10.17
N GLY B 88 46.63 -22.18 9.04
CA GLY B 88 46.93 -23.61 9.03
C GLY B 88 45.72 -24.49 8.80
N GLU B 89 45.92 -25.73 8.39
CA GLU B 89 44.82 -26.67 8.12
C GLU B 89 43.99 -27.03 9.35
N ASN B 90 44.69 -27.42 10.42
CA ASN B 90 44.12 -27.80 11.72
C ASN B 90 43.44 -26.60 12.38
N PHE B 91 42.97 -25.63 11.59
CA PHE B 91 42.35 -24.46 12.17
C PHE B 91 40.94 -24.27 11.64
N GLU B 92 39.94 -24.84 12.31
CA GLU B 92 38.54 -24.74 11.88
C GLU B 92 38.00 -23.34 11.93
N TYR B 93 37.11 -23.02 11.01
CA TYR B 93 36.43 -21.73 10.99
C TYR B 93 35.77 -21.35 12.37
N GLU B 94 35.09 -22.27 13.03
CA GLU B 94 34.38 -21.97 14.25
C GLU B 94 35.30 -21.44 15.32
N LYS B 95 36.60 -21.73 15.19
CA LYS B 95 37.63 -21.28 16.13
C LYS B 95 37.70 -19.74 16.19
N PHE B 96 37.20 -19.06 15.15
CA PHE B 96 37.16 -17.59 15.06
C PHE B 96 36.15 -16.98 16.03
N ALA B 97 35.20 -17.78 16.50
CA ALA B 97 34.25 -17.30 17.48
C ALA B 97 35.03 -16.89 18.73
N ASP B 98 36.08 -17.63 19.00
CA ASP B 98 36.88 -17.32 20.16
C ASP B 98 37.87 -16.18 19.93
N LEU B 99 38.14 -15.86 18.68
CA LEU B 99 39.04 -14.78 18.39
C LEU B 99 38.25 -13.52 18.23
N PHE B 100 36.93 -13.67 18.14
CA PHE B 100 36.07 -12.52 17.91
C PHE B 100 35.81 -11.75 19.20
N THR B 101 36.75 -10.90 19.57
CA THR B 101 36.64 -10.24 20.86
C THR B 101 36.09 -8.82 21.04
N ALA B 102 35.89 -8.09 19.94
CA ALA B 102 35.34 -6.73 19.99
C ALA B 102 36.00 -5.89 21.11
N GLU B 103 37.30 -6.11 21.33
CA GLU B 103 38.10 -5.43 22.35
C GLU B 103 37.87 -3.92 22.40
N LYS B 104 37.65 -3.30 21.27
CA LYS B 104 37.45 -1.85 21.22
C LYS B 104 36.10 -1.43 20.69
N TRP B 105 35.06 -2.13 21.05
CA TRP B 105 33.76 -1.77 20.56
C TRP B 105 33.13 -0.82 21.55
N ASP B 106 32.49 0.23 21.03
CA ASP B 106 31.76 1.23 21.82
C ASP B 106 30.41 1.44 21.11
N PRO B 107 29.38 0.69 21.47
CA PRO B 107 28.13 0.92 20.74
C PRO B 107 27.67 2.35 20.55
N GLN B 108 27.94 3.22 21.52
CA GLN B 108 27.48 4.60 21.37
C GLN B 108 28.30 5.40 20.40
N GLU B 109 29.59 5.10 20.26
CA GLU B 109 30.42 5.76 19.26
C GLU B 109 29.79 5.42 17.90
N TRP B 110 29.38 4.15 17.72
CA TRP B 110 28.76 3.68 16.48
C TRP B 110 27.51 4.45 16.16
N ALA B 111 26.63 4.55 17.14
CA ALA B 111 25.40 5.26 16.86
C ALA B 111 25.66 6.76 16.59
N ASP B 112 26.65 7.35 17.26
CA ASP B 112 26.97 8.74 17.02
C ASP B 112 27.34 8.85 15.55
N LEU B 113 28.23 7.95 15.13
CA LEU B 113 28.71 7.93 13.78
C LEU B 113 27.59 7.84 12.74
N PHE B 114 26.65 6.92 12.93
CA PHE B 114 25.56 6.72 11.99
C PHE B 114 24.61 7.90 11.95
N LYS B 115 24.35 8.53 13.11
CA LYS B 115 23.53 9.74 13.16
C LYS B 115 24.25 10.93 12.38
N LYS B 116 25.56 11.12 12.58
CA LYS B 116 26.24 12.17 11.82
C LYS B 116 26.04 11.86 10.34
N ALA B 117 26.25 10.59 9.98
CA ALA B 117 26.13 10.09 8.59
C ALA B 117 24.73 10.30 7.91
N GLY B 118 23.71 10.51 8.75
CA GLY B 118 22.37 10.78 8.27
C GLY B 118 21.44 9.59 8.25
N ALA B 119 21.88 8.43 8.73
CA ALA B 119 21.02 7.26 8.74
C ALA B 119 19.85 7.45 9.71
N LYS B 120 18.66 6.99 9.35
CA LYS B 120 17.56 7.18 10.27
C LYS B 120 17.21 5.89 10.95
N TYR B 121 17.89 4.81 10.53
CA TYR B 121 17.72 3.49 11.11
C TYR B 121 18.97 2.69 10.84
N VAL B 122 19.16 1.62 11.64
CA VAL B 122 20.33 0.73 11.61
C VAL B 122 19.89 -0.72 11.71
N ILE B 123 20.60 -1.60 11.00
CA ILE B 123 20.23 -3.02 10.98
C ILE B 123 21.47 -3.94 10.89
N PRO B 124 21.89 -4.50 12.03
CA PRO B 124 23.05 -5.39 12.15
C PRO B 124 22.69 -6.82 11.85
N THR B 125 23.67 -7.62 11.44
CA THR B 125 23.34 -9.00 11.18
C THR B 125 23.21 -9.69 12.57
N THR B 126 22.08 -10.29 12.92
CA THR B 126 22.02 -10.94 14.21
C THR B 126 22.49 -12.38 14.11
N LYS B 127 22.58 -12.89 12.88
CA LYS B 127 23.01 -14.27 12.57
C LYS B 127 23.10 -14.44 11.05
N HIS B 128 24.31 -14.64 10.53
CA HIS B 128 24.47 -14.77 9.12
C HIS B 128 24.53 -16.24 8.72
N HIS B 129 24.81 -16.48 7.46
CA HIS B 129 24.90 -17.85 6.98
C HIS B 129 25.69 -18.84 7.82
N ASP B 130 26.76 -18.40 8.49
CA ASP B 130 27.60 -19.28 9.33
C ASP B 130 26.91 -19.68 10.68
N GLY B 131 25.73 -19.07 10.95
CA GLY B 131 25.00 -19.45 12.14
C GLY B 131 25.50 -18.89 13.45
N PHE B 132 26.57 -18.11 13.44
CA PHE B 132 26.95 -17.57 14.72
C PHE B 132 25.93 -16.44 15.12
N CYS B 133 25.42 -16.46 16.35
CA CYS B 133 24.43 -15.47 16.80
C CYS B 133 25.04 -14.35 17.65
N LEU B 134 24.72 -13.12 17.30
CA LEU B 134 25.26 -12.01 18.02
C LEU B 134 24.40 -11.53 19.20
N TRP B 135 23.60 -12.43 19.79
CA TRP B 135 22.79 -12.09 20.97
C TRP B 135 22.79 -13.33 21.85
N GLY B 136 22.45 -13.22 23.12
CA GLY B 136 22.49 -14.40 23.94
C GLY B 136 21.28 -15.27 23.69
N THR B 137 21.18 -15.90 22.55
CA THR B 137 19.99 -16.72 22.28
C THR B 137 19.92 -17.92 23.21
N LYS B 138 18.73 -18.43 23.45
CA LYS B 138 18.66 -19.56 24.35
C LYS B 138 18.55 -20.87 23.55
N TYR B 139 18.87 -20.83 22.27
CA TYR B 139 18.72 -22.02 21.47
C TYR B 139 19.97 -22.54 20.83
N THR B 140 21.06 -21.83 21.02
CA THR B 140 22.34 -22.34 20.54
C THR B 140 23.41 -21.77 21.44
N ASP B 141 24.50 -22.52 21.63
CA ASP B 141 25.63 -21.97 22.42
C ASP B 141 26.67 -21.26 21.57
N PHE B 142 26.50 -21.34 20.26
CA PHE B 142 27.40 -20.68 19.32
C PHE B 142 26.91 -19.23 19.21
N ASN B 143 27.16 -18.44 20.25
CA ASN B 143 26.71 -17.06 20.21
C ASN B 143 27.66 -16.12 20.86
N SER B 144 27.47 -14.82 20.64
CA SER B 144 28.39 -13.86 21.22
C SER B 144 28.48 -13.78 22.73
N VAL B 145 27.49 -14.26 23.48
CA VAL B 145 27.50 -14.22 24.96
C VAL B 145 28.38 -15.33 25.51
N LYS B 146 28.26 -16.53 24.94
CA LYS B 146 29.06 -17.68 25.35
C LYS B 146 30.49 -17.71 24.79
N ARG B 147 30.70 -17.28 23.56
CA ARG B 147 32.03 -17.32 22.99
C ARG B 147 32.56 -15.90 22.91
N GLY B 148 33.49 -15.67 21.99
CA GLY B 148 34.08 -14.37 21.74
C GLY B 148 33.98 -13.13 22.63
N PRO B 149 33.10 -12.17 22.29
CA PRO B 149 32.80 -10.88 22.94
C PRO B 149 32.33 -10.93 24.34
N LYS B 150 31.78 -12.09 24.73
CA LYS B 150 31.18 -12.32 26.04
C LYS B 150 30.21 -11.17 26.22
N ARG B 151 29.31 -10.98 25.27
CA ARG B 151 28.42 -9.85 25.34
C ARG B 151 27.21 -9.95 24.39
N ASP B 152 26.09 -9.36 24.78
CA ASP B 152 24.90 -9.35 23.94
C ASP B 152 25.08 -8.20 22.93
N LEU B 153 25.88 -8.45 21.90
CA LEU B 153 26.11 -7.45 20.85
C LEU B 153 24.81 -6.82 20.30
N VAL B 154 23.81 -7.63 20.03
CA VAL B 154 22.57 -7.08 19.48
C VAL B 154 21.88 -6.13 20.45
N GLY B 155 21.60 -6.60 21.67
CA GLY B 155 20.93 -5.78 22.65
C GLY B 155 21.63 -4.45 23.01
N ASP B 156 22.94 -4.53 23.17
CA ASP B 156 23.69 -3.37 23.50
C ASP B 156 23.63 -2.34 22.37
N LEU B 157 23.67 -2.79 21.13
CA LEU B 157 23.61 -1.87 20.00
C LEU B 157 22.24 -1.25 19.82
N ALA B 158 21.20 -1.98 20.21
CA ALA B 158 19.85 -1.47 20.05
C ALA B 158 19.58 -0.31 20.99
N LYS B 159 20.12 -0.43 22.20
CA LYS B 159 20.02 0.57 23.27
C LYS B 159 20.69 1.87 22.77
N ALA B 160 21.84 1.70 22.16
CA ALA B 160 22.60 2.81 21.63
C ALA B 160 21.87 3.51 20.55
N VAL B 161 21.51 2.77 19.50
CA VAL B 161 20.82 3.34 18.33
C VAL B 161 19.55 4.04 18.80
N ARG B 162 18.75 3.37 19.63
CA ARG B 162 17.54 3.99 20.09
C ARG B 162 17.78 5.25 20.93
N GLU B 163 18.80 5.24 21.80
CA GLU B 163 19.17 6.45 22.57
C GLU B 163 19.65 7.59 21.62
N ALA B 164 20.23 7.26 20.47
CA ALA B 164 20.63 8.27 19.49
C ALA B 164 19.40 8.68 18.69
N GLY B 165 18.25 8.11 19.04
CA GLY B 165 17.03 8.47 18.36
C GLY B 165 16.78 7.85 16.99
N LEU B 166 17.59 6.86 16.57
CA LEU B 166 17.41 6.16 15.29
C LEU B 166 16.58 4.91 15.53
N ARG B 167 16.04 4.34 14.44
CA ARG B 167 15.25 3.13 14.47
C ARG B 167 16.20 1.93 14.49
N PHE B 168 15.69 0.80 14.97
CA PHE B 168 16.50 -0.42 15.05
C PHE B 168 15.81 -1.62 14.43
N GLY B 169 16.45 -2.31 13.49
CA GLY B 169 15.84 -3.50 12.91
C GLY B 169 16.82 -4.67 13.08
N VAL B 170 16.48 -5.86 12.63
CA VAL B 170 17.41 -7.00 12.80
C VAL B 170 17.47 -7.77 11.49
N TYR B 171 18.63 -8.36 11.23
CA TYR B 171 18.86 -9.16 10.03
C TYR B 171 19.06 -10.57 10.51
N TYR B 172 18.53 -11.53 9.78
CA TYR B 172 18.65 -12.93 10.18
C TYR B 172 18.70 -13.81 8.93
N SER B 173 19.65 -14.75 8.87
CA SER B 173 19.70 -15.68 7.73
C SER B 173 18.76 -16.83 7.97
N GLY B 174 17.54 -16.66 7.55
CA GLY B 174 16.56 -17.72 7.70
C GLY B 174 16.85 -18.79 6.67
N GLY B 175 17.19 -18.38 5.46
CA GLY B 175 17.44 -19.36 4.42
C GLY B 175 18.65 -20.27 4.54
N LEU B 176 19.77 -19.76 5.06
CA LEU B 176 20.97 -20.59 5.15
C LEU B 176 21.56 -20.62 6.55
N ASP B 177 22.16 -21.76 6.90
CA ASP B 177 22.86 -21.95 8.16
C ASP B 177 23.87 -23.08 7.99
N TRP B 178 25.11 -22.68 7.84
CA TRP B 178 26.18 -23.64 7.64
C TRP B 178 26.40 -24.56 8.86
N ARG B 179 25.72 -24.28 9.97
CA ARG B 179 25.90 -25.12 11.12
C ARG B 179 25.10 -26.34 10.90
N PHE B 180 24.24 -26.31 9.88
CA PHE B 180 23.42 -27.48 9.57
C PHE B 180 23.75 -28.15 8.25
N THR B 181 24.85 -27.84 7.61
CA THR B 181 25.16 -28.50 6.34
C THR B 181 26.64 -28.80 6.29
N THR B 182 27.10 -29.49 5.24
CA THR B 182 28.52 -29.77 5.20
C THR B 182 29.12 -29.36 3.90
N GLU B 183 28.47 -29.77 2.83
CA GLU B 183 28.91 -29.46 1.50
C GLU B 183 28.79 -27.97 1.26
N PRO B 184 29.78 -27.35 0.63
CA PRO B 184 29.67 -25.92 0.39
C PRO B 184 28.86 -25.70 -0.91
N ILE B 185 28.45 -24.45 -1.13
CA ILE B 185 27.71 -24.08 -2.33
C ILE B 185 28.77 -23.82 -3.38
N ARG B 186 28.76 -24.53 -4.50
CA ARG B 186 29.77 -24.30 -5.53
C ARG B 186 29.14 -23.60 -6.70
N TYR B 187 27.83 -23.79 -6.88
CA TYR B 187 27.09 -23.15 -7.97
C TYR B 187 25.73 -22.68 -7.51
N PRO B 188 25.17 -21.72 -8.23
CA PRO B 188 23.87 -21.18 -7.90
C PRO B 188 22.84 -22.30 -7.67
N GLU B 189 22.78 -23.22 -8.60
CA GLU B 189 21.89 -24.36 -8.53
C GLU B 189 21.97 -25.11 -7.18
N ASP B 190 23.13 -25.09 -6.52
CA ASP B 190 23.26 -25.83 -5.26
C ASP B 190 22.31 -25.35 -4.14
N LEU B 191 22.04 -24.03 -4.18
CA LEU B 191 21.14 -23.38 -3.25
C LEU B 191 19.74 -24.05 -3.22
N SER B 192 19.42 -24.75 -4.29
CA SER B 192 18.15 -25.42 -4.33
C SER B 192 18.07 -26.70 -3.45
N TYR B 193 19.19 -27.30 -3.05
CA TYR B 193 19.07 -28.49 -2.21
C TYR B 193 20.02 -28.53 -1.02
N ILE B 194 21.00 -27.61 -0.98
CA ILE B 194 22.00 -27.60 0.11
C ILE B 194 21.58 -26.57 1.12
N ARG B 195 20.62 -26.97 1.95
CA ARG B 195 19.98 -26.15 2.99
C ARG B 195 19.73 -27.06 4.18
N PRO B 196 19.47 -26.49 5.40
CA PRO B 196 19.22 -27.36 6.56
C PRO B 196 18.18 -28.46 6.22
N ASN B 197 17.12 -28.05 5.50
CA ASN B 197 16.08 -28.98 5.05
C ASN B 197 15.22 -29.67 6.11
N THR B 198 15.63 -29.62 7.39
CA THR B 198 14.86 -30.29 8.45
C THR B 198 13.77 -29.51 9.15
N TYR B 199 12.87 -30.28 9.81
CA TYR B 199 11.77 -29.70 10.57
C TYR B 199 12.43 -29.00 11.79
N GLU B 200 13.44 -29.66 12.33
CA GLU B 200 14.19 -29.14 13.44
C GLU B 200 14.70 -27.73 13.08
N TYR B 201 15.27 -27.57 11.88
CA TYR B 201 15.77 -26.27 11.52
C TYR B 201 14.66 -25.22 11.41
N ALA B 202 13.51 -25.60 10.83
CA ALA B 202 12.39 -24.70 10.71
C ALA B 202 11.91 -24.17 12.08
N ASP B 203 11.78 -25.05 13.08
CA ASP B 203 11.38 -24.70 14.44
C ASP B 203 12.44 -23.72 14.97
N TYR B 204 13.69 -24.07 14.80
CA TYR B 204 14.83 -23.27 15.26
C TYR B 204 14.75 -21.82 14.79
N ALA B 205 14.59 -21.65 13.47
CA ALA B 205 14.51 -20.35 12.84
C ALA B 205 13.36 -19.58 13.44
N TYR B 206 12.24 -20.27 13.63
CA TYR B 206 11.05 -19.69 14.22
C TYR B 206 11.32 -19.23 15.64
N LYS B 207 11.77 -20.15 16.47
CA LYS B 207 12.03 -19.73 17.82
C LYS B 207 13.02 -18.57 17.88
N GLN B 208 13.99 -18.53 16.96
CA GLN B 208 14.96 -17.44 16.98
C GLN B 208 14.40 -16.07 16.57
N VAL B 209 13.59 -15.99 15.52
CA VAL B 209 13.02 -14.66 15.16
C VAL B 209 12.00 -14.24 16.24
N MET B 210 11.20 -15.19 16.73
CA MET B 210 10.22 -14.94 17.81
C MET B 210 11.01 -14.37 19.02
N GLU B 211 12.18 -14.95 19.29
CA GLU B 211 13.03 -14.52 20.39
C GLU B 211 13.59 -13.09 20.21
N LEU B 212 13.95 -12.70 19.01
CA LEU B 212 14.44 -11.36 18.77
C LEU B 212 13.24 -10.44 18.94
N VAL B 213 12.08 -10.82 18.42
CA VAL B 213 10.90 -9.97 18.64
C VAL B 213 10.61 -9.74 20.17
N ASP B 214 10.57 -10.83 20.91
CA ASP B 214 10.30 -10.69 22.33
C ASP B 214 11.39 -9.88 23.07
N LEU B 215 12.67 -10.10 22.80
CA LEU B 215 13.74 -9.37 23.48
C LEU B 215 14.03 -7.94 23.03
N TYR B 216 13.76 -7.60 21.75
CA TYR B 216 14.09 -6.25 21.27
C TYR B 216 13.06 -5.53 20.46
N LEU B 217 11.96 -6.21 20.09
CA LEU B 217 10.89 -5.61 19.27
C LEU B 217 11.48 -4.70 18.14
N PRO B 218 12.23 -5.29 17.22
CA PRO B 218 12.83 -4.50 16.13
C PRO B 218 11.78 -3.78 15.27
N ASP B 219 12.21 -2.69 14.66
CA ASP B 219 11.36 -1.89 13.79
C ASP B 219 11.28 -2.50 12.38
N VAL B 220 12.17 -3.45 12.12
CA VAL B 220 12.22 -4.15 10.83
C VAL B 220 12.76 -5.58 11.00
N LEU B 221 12.08 -6.52 10.36
CA LEU B 221 12.55 -7.92 10.33
C LEU B 221 13.16 -8.07 8.94
N TRP B 222 14.49 -8.11 8.89
CA TRP B 222 15.19 -8.24 7.62
C TRP B 222 15.73 -9.66 7.34
N ASN B 223 14.93 -10.52 6.74
CA ASN B 223 15.32 -11.91 6.47
C ASN B 223 16.15 -12.11 5.23
N ASP B 224 16.90 -13.18 5.22
CA ASP B 224 17.65 -13.42 4.07
C ASP B 224 17.63 -14.87 3.59
N MET B 225 17.69 -15.02 2.26
CA MET B 225 17.82 -16.29 1.58
C MET B 225 16.62 -17.15 1.64
N GLY B 226 15.49 -16.52 1.80
CA GLY B 226 14.25 -17.28 1.85
C GLY B 226 14.01 -17.85 3.22
N TRP B 227 12.87 -18.49 3.43
CA TRP B 227 12.56 -19.07 4.71
C TRP B 227 12.35 -20.58 4.53
N PRO B 228 12.84 -21.41 5.47
CA PRO B 228 12.73 -22.87 5.46
C PRO B 228 11.37 -23.23 4.95
N GLU B 229 11.33 -23.99 3.86
CA GLU B 229 10.05 -24.39 3.27
C GLU B 229 9.10 -24.99 4.29
N LYS B 230 9.62 -25.78 5.22
CA LYS B 230 8.71 -26.40 6.18
C LYS B 230 8.16 -25.40 7.22
N GLY B 231 8.70 -24.17 7.19
CA GLY B 231 8.24 -23.16 8.14
C GLY B 231 7.49 -21.93 7.63
N LYS B 232 7.30 -21.88 6.31
CA LYS B 232 6.61 -20.79 5.68
C LYS B 232 5.26 -20.55 6.24
N GLU B 233 4.52 -21.57 6.60
CA GLU B 233 3.21 -21.31 7.15
C GLU B 233 3.26 -20.70 8.52
N ASP B 234 4.42 -20.79 9.19
CA ASP B 234 4.65 -20.19 10.53
C ASP B 234 4.58 -18.66 10.56
N LEU B 235 5.12 -18.05 9.49
CA LEU B 235 5.11 -16.60 9.32
C LEU B 235 3.73 -15.96 9.42
N LYS B 236 2.65 -16.67 9.12
CA LYS B 236 1.33 -16.06 9.29
C LYS B 236 1.21 -15.64 10.75
N TYR B 237 1.53 -16.59 11.65
CA TYR B 237 1.47 -16.39 13.12
C TYR B 237 2.51 -15.40 13.56
N LEU B 238 3.76 -15.61 13.14
CA LEU B 238 4.88 -14.73 13.49
C LEU B 238 4.60 -13.26 13.11
N PHE B 239 4.13 -13.05 11.87
CA PHE B 239 3.81 -11.72 11.37
C PHE B 239 2.64 -11.11 12.16
N ALA B 240 1.56 -11.87 12.33
CA ALA B 240 0.44 -11.36 13.12
C ALA B 240 0.95 -11.06 14.57
N TYR B 241 1.68 -12.02 15.16
CA TYR B 241 2.27 -11.85 16.50
C TYR B 241 3.07 -10.54 16.64
N TYR B 242 3.97 -10.31 15.70
CA TYR B 242 4.84 -9.15 15.62
C TYR B 242 4.12 -7.84 15.40
N TYR B 243 3.19 -7.80 14.44
CA TYR B 243 2.44 -6.58 14.13
C TYR B 243 1.46 -6.19 15.25
N ASN B 244 0.94 -7.19 15.98
CA ASN B 244 0.04 -6.92 17.10
C ASN B 244 0.77 -6.40 18.32
N LYS B 245 2.08 -6.59 18.36
CA LYS B 245 2.88 -6.01 19.43
C LYS B 245 3.52 -4.70 18.88
N HIS B 246 3.64 -4.49 17.56
CA HIS B 246 4.31 -3.30 17.07
C HIS B 246 3.78 -3.01 15.67
N PRO B 247 2.63 -2.31 15.59
CA PRO B 247 2.06 -2.03 14.28
C PRO B 247 2.99 -1.32 13.35
N GLU B 248 3.97 -0.62 13.92
CA GLU B 248 4.91 0.10 13.11
C GLU B 248 6.16 -0.62 12.73
N GLY B 249 6.19 -1.92 13.01
CA GLY B 249 7.30 -2.71 12.58
C GLY B 249 7.06 -2.92 11.07
N SER B 250 7.98 -3.63 10.46
CA SER B 250 7.96 -3.89 9.05
C SER B 250 8.79 -5.13 8.76
N VAL B 251 8.50 -5.77 7.64
CA VAL B 251 9.27 -6.94 7.18
C VAL B 251 9.62 -6.77 5.67
N ASN B 252 10.80 -7.29 5.26
CA ASN B 252 11.22 -7.22 3.83
C ASN B 252 10.61 -8.39 2.99
N ASP B 253 11.14 -8.63 1.80
CA ASP B 253 10.58 -9.61 0.87
C ASP B 253 11.43 -10.84 0.69
N ARG B 254 12.22 -11.20 1.69
CA ARG B 254 13.04 -12.37 1.48
C ARG B 254 12.60 -13.58 2.25
N TRP B 255 11.28 -13.67 2.46
CA TRP B 255 10.67 -14.78 3.17
C TRP B 255 10.11 -15.81 2.22
N GLY B 256 9.76 -15.37 1.01
CA GLY B 256 9.19 -16.31 0.09
C GLY B 256 7.77 -16.64 0.43
N VAL B 257 7.01 -15.73 1.01
CA VAL B 257 5.58 -15.99 1.29
C VAL B 257 4.80 -14.80 0.72
N PRO B 258 3.45 -14.88 0.66
CA PRO B 258 2.61 -13.77 0.10
C PRO B 258 2.76 -12.32 0.60
N HIS B 259 3.27 -12.14 1.82
CA HIS B 259 3.42 -10.83 2.45
C HIS B 259 4.81 -10.25 2.56
N TRP B 260 4.90 -8.94 2.41
CA TRP B 260 6.15 -8.18 2.58
C TRP B 260 5.71 -6.71 2.67
N ASP B 261 6.54 -5.86 3.28
CA ASP B 261 6.19 -4.43 3.38
C ASP B 261 6.97 -3.60 2.35
N PHE B 262 8.15 -4.09 2.00
CA PHE B 262 8.98 -3.41 1.04
C PHE B 262 9.91 -4.41 0.39
N LYS B 263 10.09 -4.32 -0.93
CA LYS B 263 10.95 -5.24 -1.60
C LYS B 263 12.40 -4.80 -1.54
N THR B 264 13.30 -5.64 -2.01
CA THR B 264 14.72 -5.31 -1.97
C THR B 264 15.45 -5.57 -3.32
N ALA B 265 16.52 -4.85 -3.52
CA ALA B 265 17.33 -4.95 -4.71
C ALA B 265 18.77 -4.91 -4.17
N GLU B 266 19.63 -5.77 -4.72
CA GLU B 266 21.02 -5.92 -4.28
C GLU B 266 21.97 -5.76 -5.46
N TYR B 267 22.90 -4.81 -5.32
CA TYR B 267 23.80 -4.47 -6.42
C TYR B 267 22.94 -4.45 -7.72
N HIS B 268 23.51 -4.85 -8.84
CA HIS B 268 22.76 -4.82 -10.09
C HIS B 268 21.43 -5.56 -10.01
N VAL B 269 21.43 -6.73 -9.39
CA VAL B 269 20.21 -7.57 -9.23
C VAL B 269 18.88 -6.85 -8.78
N ASN B 270 17.83 -7.01 -9.61
CA ASN B 270 16.52 -6.42 -9.35
C ASN B 270 16.43 -4.89 -9.27
N TYR B 271 17.43 -4.18 -9.78
CA TYR B 271 17.42 -2.71 -9.72
C TYR B 271 16.37 -2.06 -10.67
N PRO B 272 15.42 -1.30 -10.12
CA PRO B 272 14.43 -0.70 -11.03
C PRO B 272 15.03 0.45 -11.87
N GLY B 273 14.61 0.56 -13.12
CA GLY B 273 15.09 1.63 -13.98
C GLY B 273 14.24 2.90 -13.92
N ASP B 274 12.96 2.77 -13.55
CA ASP B 274 12.03 3.91 -13.40
C ASP B 274 11.06 3.61 -12.22
N LEU B 275 10.08 4.48 -11.98
CA LEU B 275 9.14 4.29 -10.86
C LEU B 275 8.51 2.88 -10.74
N PRO B 276 8.80 2.14 -9.64
CA PRO B 276 8.26 0.80 -9.44
C PRO B 276 6.77 0.70 -9.08
N GLY B 277 6.29 1.51 -8.13
CA GLY B 277 4.90 1.46 -7.75
C GLY B 277 4.61 0.75 -6.43
N TYR B 278 5.68 0.40 -5.68
CA TYR B 278 5.63 -0.26 -4.36
C TYR B 278 6.86 0.22 -3.61
N LYS B 279 6.88 0.15 -2.30
CA LYS B 279 8.11 0.58 -1.60
C LYS B 279 9.22 -0.46 -1.72
N TRP B 280 10.48 -0.04 -1.82
CA TRP B 280 11.63 -0.96 -1.95
C TRP B 280 12.88 -0.34 -1.34
N GLU B 281 13.91 -1.14 -1.16
CA GLU B 281 15.15 -0.65 -0.56
C GLU B 281 16.37 -1.23 -1.29
N PHE B 282 17.35 -0.38 -1.59
CA PHE B 282 18.55 -0.84 -2.30
C PHE B 282 19.64 -1.04 -1.26
N THR B 283 20.43 -2.09 -1.45
CA THR B 283 21.50 -2.30 -0.55
C THR B 283 22.77 -2.70 -1.30
N ARG B 284 23.91 -2.33 -0.70
CA ARG B 284 25.26 -2.63 -1.22
C ARG B 284 26.30 -2.17 -0.20
N GLY B 285 27.51 -2.70 -0.35
CA GLY B 285 28.57 -2.30 0.57
C GLY B 285 29.25 -1.02 0.08
N ILE B 286 29.99 -0.35 0.98
CA ILE B 286 30.71 0.84 0.58
C ILE B 286 31.73 0.32 -0.46
N GLY B 287 32.06 -0.96 -0.32
CA GLY B 287 32.94 -1.63 -1.28
C GLY B 287 32.09 -2.69 -2.05
N LEU B 288 32.71 -3.84 -2.32
CA LEU B 288 32.06 -4.98 -3.01
C LEU B 288 31.59 -6.05 -2.01
N SER B 289 32.26 -6.14 -0.88
CA SER B 289 31.90 -7.09 0.14
C SER B 289 31.05 -6.38 1.21
N PHE B 290 30.29 -7.17 1.97
CA PHE B 290 29.50 -6.64 3.07
C PHE B 290 30.36 -6.82 4.32
N GLY B 291 30.95 -7.98 4.52
CA GLY B 291 31.80 -8.17 5.68
C GLY B 291 33.13 -7.48 5.42
N TYR B 292 33.79 -7.06 6.49
CA TYR B 292 35.08 -6.39 6.32
C TYR B 292 36.06 -7.21 5.50
N ASN B 293 36.67 -6.58 4.50
CA ASN B 293 37.66 -7.21 3.62
C ASN B 293 38.89 -6.31 3.60
N ARG B 294 39.92 -6.77 4.31
CA ARG B 294 41.18 -6.07 4.38
C ARG B 294 41.84 -6.04 2.97
N ASN B 295 41.32 -6.73 1.96
CA ASN B 295 41.91 -6.63 0.63
C ASN B 295 41.33 -5.47 -0.13
N GLU B 296 40.23 -4.90 0.33
CA GLU B 296 39.73 -3.83 -0.48
C GLU B 296 40.44 -2.49 -0.24
N GLY B 297 40.65 -1.74 -1.31
CA GLY B 297 41.26 -0.41 -1.19
C GLY B 297 40.30 0.60 -1.84
N PRO B 298 40.59 1.91 -1.80
CA PRO B 298 39.65 2.84 -2.45
C PRO B 298 39.26 2.45 -3.88
N GLU B 299 40.15 1.71 -4.55
CA GLU B 299 39.93 1.21 -5.92
C GLU B 299 38.58 0.56 -6.00
N HIS B 300 38.24 -0.22 -4.97
CA HIS B 300 36.98 -0.95 -4.93
C HIS B 300 35.80 -0.38 -4.18
N MET B 301 36.00 0.77 -3.55
CA MET B 301 34.95 1.40 -2.77
C MET B 301 34.37 2.50 -3.60
N LEU B 302 33.15 2.96 -3.28
CA LEU B 302 32.54 4.05 -3.99
C LEU B 302 33.16 5.24 -3.33
N SER B 303 32.98 6.41 -3.94
CA SER B 303 33.45 7.72 -3.43
C SER B 303 32.27 8.56 -2.93
N VAL B 304 32.48 9.33 -1.88
CA VAL B 304 31.39 10.17 -1.40
C VAL B 304 30.47 10.65 -2.55
N GLU B 305 30.99 11.08 -3.68
CA GLU B 305 30.13 11.57 -4.74
C GLU B 305 29.23 10.44 -5.34
N GLN B 306 29.84 9.30 -5.67
CA GLN B 306 29.09 8.16 -6.16
C GLN B 306 28.06 7.70 -5.06
N LEU B 307 28.43 7.83 -3.79
CA LEU B 307 27.51 7.49 -2.75
C LEU B 307 26.32 8.43 -2.79
N VAL B 308 26.58 9.73 -3.01
CA VAL B 308 25.48 10.69 -3.07
C VAL B 308 24.62 10.46 -4.30
N TYR B 309 25.25 10.14 -5.41
CA TYR B 309 24.51 9.84 -6.63
C TYR B 309 23.69 8.57 -6.42
N THR B 310 24.27 7.55 -5.77
CA THR B 310 23.52 6.31 -5.50
C THR B 310 22.28 6.65 -4.71
N LEU B 311 22.43 7.38 -3.62
CA LEU B 311 21.28 7.80 -2.80
C LEU B 311 20.19 8.57 -3.59
N VAL B 312 20.54 9.56 -4.44
CA VAL B 312 19.50 10.31 -5.18
C VAL B 312 18.78 9.45 -6.20
N ASP B 313 19.54 8.61 -6.85
CA ASP B 313 18.92 7.76 -7.82
C ASP B 313 17.95 6.84 -7.14
N VAL B 314 18.36 6.28 -6.01
CA VAL B 314 17.50 5.38 -5.31
C VAL B 314 16.28 6.13 -4.81
N VAL B 315 16.48 7.28 -4.16
CA VAL B 315 15.36 8.00 -3.57
C VAL B 315 14.37 8.53 -4.64
N SER B 316 14.86 8.91 -5.80
CA SER B 316 13.94 9.43 -6.80
C SER B 316 12.97 8.37 -7.34
N LYS B 317 13.35 7.12 -7.13
CA LYS B 317 12.59 5.95 -7.59
C LYS B 317 11.74 5.28 -6.48
N GLY B 318 11.38 6.05 -5.45
CA GLY B 318 10.65 5.49 -4.34
C GLY B 318 11.50 4.57 -3.42
N GLY B 319 12.81 4.43 -3.64
CA GLY B 319 13.51 3.55 -2.73
C GLY B 319 14.15 4.19 -1.51
N ASN B 320 14.72 3.34 -0.65
CA ASN B 320 15.43 3.71 0.58
C ASN B 320 16.80 3.13 0.30
N LEU B 321 17.87 3.76 0.74
CA LEU B 321 19.18 3.15 0.53
C LEU B 321 19.65 2.58 1.87
N LEU B 322 20.01 1.30 1.89
CA LEU B 322 20.52 0.64 3.10
C LEU B 322 21.98 0.28 2.81
N LEU B 323 22.84 1.20 3.20
CA LEU B 323 24.28 1.14 2.98
C LEU B 323 24.94 0.28 4.04
N ASN B 324 25.71 -0.67 3.57
CA ASN B 324 26.39 -1.55 4.49
C ASN B 324 27.76 -1.08 4.94
N VAL B 325 28.01 -1.23 6.22
CA VAL B 325 29.27 -0.90 6.86
C VAL B 325 29.79 -2.27 7.32
N GLY B 326 31.08 -2.49 7.25
CA GLY B 326 31.68 -3.75 7.63
C GLY B 326 32.78 -3.60 8.69
N PRO B 327 32.35 -3.57 9.94
CA PRO B 327 33.29 -3.45 11.06
C PRO B 327 34.38 -4.51 11.09
N LYS B 328 35.42 -4.22 11.87
CA LYS B 328 36.58 -5.11 12.06
C LYS B 328 36.25 -6.02 13.26
N GLY B 329 37.01 -7.13 13.39
CA GLY B 329 36.82 -8.03 14.50
C GLY B 329 36.95 -7.34 15.85
N ASP B 330 37.78 -6.31 15.99
CA ASP B 330 37.93 -5.64 17.31
C ASP B 330 36.79 -4.66 17.57
N GLY B 331 35.92 -4.48 16.58
CA GLY B 331 34.81 -3.59 16.79
C GLY B 331 34.96 -2.22 16.22
N THR B 332 36.09 -1.93 15.56
CA THR B 332 36.27 -0.60 14.98
C THR B 332 35.86 -0.55 13.51
N ILE B 333 35.40 0.61 13.05
CA ILE B 333 35.00 0.70 11.65
C ILE B 333 36.19 1.22 10.86
N PRO B 334 36.71 0.43 9.92
CA PRO B 334 37.87 0.87 9.13
C PRO B 334 37.72 2.32 8.61
N ASP B 335 38.83 3.07 8.67
CA ASP B 335 38.85 4.47 8.26
C ASP B 335 38.33 4.80 6.87
N LEU B 336 38.66 3.97 5.90
CA LEU B 336 38.16 4.16 4.54
C LEU B 336 36.62 4.24 4.47
N GLN B 337 35.92 3.53 5.36
CA GLN B 337 34.48 3.57 5.41
C GLN B 337 33.92 4.70 6.30
N LYS B 338 34.58 4.99 7.43
CA LYS B 338 34.16 6.06 8.34
C LYS B 338 34.26 7.38 7.60
N GLU B 339 35.25 7.50 6.74
CA GLU B 339 35.37 8.75 6.03
C GLU B 339 34.27 8.98 5.01
N ARG B 340 33.84 7.91 4.36
CA ARG B 340 32.80 8.01 3.36
C ARG B 340 31.45 8.27 3.97
N LEU B 341 31.16 7.64 5.11
CA LEU B 341 29.90 7.87 5.84
C LEU B 341 29.72 9.35 6.18
N LEU B 342 30.83 9.95 6.63
CA LEU B 342 30.96 11.38 6.99
C LEU B 342 30.73 12.32 5.79
N GLY B 343 31.33 11.95 4.65
CA GLY B 343 31.15 12.71 3.42
C GLY B 343 29.65 12.83 3.15
N LEU B 344 29.01 11.65 3.07
CA LEU B 344 27.58 11.52 2.85
C LEU B 344 26.84 12.28 3.91
N GLY B 345 27.23 12.06 5.17
CA GLY B 345 26.56 12.76 6.25
C GLY B 345 26.48 14.26 6.02
N GLU B 346 27.60 14.88 5.61
CA GLU B 346 27.67 16.33 5.36
C GLU B 346 26.75 16.78 4.22
N TRP B 347 26.78 16.02 3.12
CA TRP B 347 25.96 16.32 1.95
C TRP B 347 24.50 16.35 2.34
N LEU B 348 24.13 15.45 3.25
CA LEU B 348 22.78 15.34 3.75
C LEU B 348 22.40 16.51 4.68
N ARG B 349 23.39 17.12 5.31
CA ARG B 349 23.13 18.25 6.21
C ARG B 349 22.77 19.45 5.33
N LYS B 350 23.44 19.60 4.21
CA LYS B 350 23.10 20.70 3.33
C LYS B 350 21.78 20.42 2.57
N TYR B 351 21.74 19.28 1.86
CA TYR B 351 20.61 18.89 1.01
C TYR B 351 19.46 18.00 1.55
N GLY B 352 19.64 17.44 2.74
CA GLY B 352 18.60 16.61 3.32
C GLY B 352 17.14 16.93 3.11
N ASP B 353 16.77 18.21 3.00
CA ASP B 353 15.33 18.50 2.84
C ASP B 353 14.70 18.14 1.48
N ALA B 354 15.55 17.86 0.51
CA ALA B 354 15.16 17.44 -0.82
C ALA B 354 15.21 15.88 -0.89
N ILE B 355 15.44 15.26 0.26
CA ILE B 355 15.52 13.81 0.34
C ILE B 355 14.57 13.20 1.39
N TYR B 356 14.81 13.52 2.67
CA TYR B 356 13.98 12.97 3.73
C TYR B 356 12.54 13.42 3.57
N GLY B 357 11.58 12.53 3.77
CA GLY B 357 10.21 12.95 3.69
C GLY B 357 9.64 13.25 2.31
N THR B 358 10.41 13.01 1.25
CA THR B 358 9.91 13.26 -0.09
C THR B 358 9.11 12.05 -0.66
N SER B 359 8.50 12.29 -1.81
CA SER B 359 7.72 11.33 -2.57
C SER B 359 8.29 11.41 -3.97
N VAL B 360 7.93 10.44 -4.79
CA VAL B 360 8.37 10.42 -6.18
C VAL B 360 7.52 11.46 -6.94
N TRP B 361 8.05 11.95 -8.06
CA TRP B 361 7.36 12.91 -8.88
C TRP B 361 6.79 12.14 -10.08
N GLU B 362 6.25 12.83 -11.08
CA GLU B 362 5.69 12.16 -12.28
C GLU B 362 6.75 11.27 -12.96
N ARG B 363 7.99 11.70 -12.82
CA ARG B 363 9.11 11.02 -13.39
C ARG B 363 10.27 11.20 -12.43
N CYS B 364 11.24 10.28 -12.55
CA CYS B 364 12.42 10.19 -11.72
C CYS B 364 13.59 10.78 -12.37
N CYS B 365 13.54 10.87 -13.68
CA CYS B 365 14.74 11.21 -14.40
C CYS B 365 14.65 12.12 -15.64
N ALA B 366 15.82 12.66 -15.97
CA ALA B 366 15.99 13.57 -17.08
C ALA B 366 17.49 13.79 -17.30
N LYS B 367 17.83 14.61 -18.28
CA LYS B 367 19.23 14.94 -18.51
C LYS B 367 19.43 16.24 -19.32
N THR B 368 20.58 16.87 -19.12
CA THR B 368 20.89 18.10 -19.85
C THR B 368 21.33 17.74 -21.28
N GLU B 369 21.35 18.74 -22.15
CA GLU B 369 21.78 18.61 -23.53
C GLU B 369 23.19 17.99 -23.51
N ASP B 370 23.97 18.36 -22.51
CA ASP B 370 25.33 17.89 -22.37
C ASP B 370 25.55 16.66 -21.50
N GLY B 371 24.52 15.80 -21.35
CA GLY B 371 24.68 14.54 -20.62
C GLY B 371 24.72 14.39 -19.09
N THR B 372 24.45 15.47 -18.35
CA THR B 372 24.42 15.36 -16.90
C THR B 372 23.04 14.81 -16.59
N GLU B 373 22.99 13.79 -15.73
CA GLU B 373 21.72 13.15 -15.39
C GLU B 373 21.02 13.95 -14.29
N ILE B 374 19.70 13.94 -14.33
CA ILE B 374 18.90 14.64 -13.34
C ILE B 374 17.86 13.68 -12.69
N ARG B 375 17.52 13.92 -11.43
CA ARG B 375 16.59 13.10 -10.72
C ARG B 375 15.65 14.05 -10.04
N PHE B 376 14.41 13.64 -9.80
CA PHE B 376 13.45 14.52 -9.13
C PHE B 376 12.90 13.88 -7.88
N THR B 377 12.36 14.70 -6.98
CA THR B 377 11.73 14.20 -5.76
C THR B 377 10.61 15.21 -5.40
N ARG B 378 9.58 14.79 -4.67
CA ARG B 378 8.50 15.69 -4.39
C ARG B 378 8.23 15.89 -2.90
N LYS B 379 7.62 17.03 -2.55
CA LYS B 379 7.23 17.37 -1.18
C LYS B 379 6.14 18.37 -1.50
N CYS B 380 4.91 17.87 -1.43
CA CYS B 380 3.72 18.61 -1.81
C CYS B 380 3.84 19.25 -3.21
N ASN B 381 3.81 20.59 -3.27
CA ASN B 381 3.91 21.31 -4.55
C ASN B 381 5.38 21.63 -4.89
N ARG B 382 6.26 21.35 -3.93
CA ARG B 382 7.67 21.60 -4.09
C ARG B 382 8.22 20.44 -4.92
N ILE B 383 9.03 20.76 -5.93
CA ILE B 383 9.65 19.75 -6.76
C ILE B 383 11.17 19.92 -6.78
N PHE B 384 11.89 19.03 -6.10
CA PHE B 384 13.33 19.11 -6.10
C PHE B 384 13.93 18.57 -7.38
N VAL B 385 14.83 19.35 -8.02
CA VAL B 385 15.51 18.97 -9.27
C VAL B 385 16.97 18.81 -8.86
N ILE B 386 17.45 17.56 -8.84
CA ILE B 386 18.79 17.27 -8.37
C ILE B 386 19.68 16.80 -9.50
N PHE B 387 20.74 17.59 -9.74
CA PHE B 387 21.69 17.29 -10.80
C PHE B 387 22.78 16.39 -10.28
N LEU B 388 23.12 15.35 -11.02
CA LEU B 388 24.13 14.47 -10.50
C LEU B 388 25.50 14.97 -10.89
N GLY B 389 25.84 16.12 -10.31
CA GLY B 389 27.09 16.79 -10.55
C GLY B 389 26.78 18.27 -10.59
N ILE B 390 27.79 19.08 -10.92
CA ILE B 390 27.54 20.51 -11.02
C ILE B 390 27.90 21.08 -12.40
N PRO B 391 26.88 21.48 -13.15
CA PRO B 391 27.03 22.05 -14.50
C PRO B 391 27.98 23.27 -14.45
N THR B 392 29.01 23.25 -15.31
CA THR B 392 30.01 24.34 -15.43
C THR B 392 29.40 25.60 -16.08
N GLY B 393 28.63 25.43 -17.16
CA GLY B 393 28.02 26.58 -17.83
C GLY B 393 26.86 27.23 -17.08
N GLU B 394 26.56 28.49 -17.34
CA GLU B 394 25.45 29.13 -16.64
C GLU B 394 24.16 28.80 -17.38
N LYS B 395 24.29 28.37 -18.62
CA LYS B 395 23.10 28.00 -19.36
C LYS B 395 22.97 26.50 -19.16
N ILE B 396 21.76 26.09 -18.82
CA ILE B 396 21.47 24.69 -18.59
C ILE B 396 20.23 24.36 -19.40
N VAL B 397 20.40 23.40 -20.31
CA VAL B 397 19.28 22.94 -21.13
C VAL B 397 18.89 21.51 -20.76
N ILE B 398 17.76 21.38 -20.07
CA ILE B 398 17.24 20.09 -19.66
C ILE B 398 16.29 19.72 -20.78
N GLU B 399 16.45 18.51 -21.33
CA GLU B 399 15.62 18.02 -22.44
C GLU B 399 14.37 17.23 -22.09
N ASP B 400 13.41 17.26 -23.00
CA ASP B 400 12.16 16.54 -22.85
C ASP B 400 11.47 16.91 -21.57
N LEU B 401 11.51 18.20 -21.22
CA LEU B 401 10.92 18.70 -19.98
C LEU B 401 10.36 20.10 -20.10
N ASN B 402 9.09 20.26 -19.71
CA ASN B 402 8.41 21.58 -19.72
C ASN B 402 7.81 21.78 -18.32
N LEU B 403 7.75 22.99 -17.82
CA LEU B 403 7.17 23.15 -16.49
C LEU B 403 6.04 24.11 -16.56
N SER B 404 5.14 24.00 -15.60
CA SER B 404 3.98 24.86 -15.53
C SER B 404 4.03 25.66 -14.21
N ALA B 405 5.22 25.74 -13.61
CA ALA B 405 5.36 26.40 -12.32
C ALA B 405 5.36 27.93 -12.39
N GLY B 406 6.37 28.48 -13.03
CA GLY B 406 6.43 29.93 -13.07
C GLY B 406 7.55 30.39 -12.16
N THR B 407 7.82 29.61 -11.12
CA THR B 407 8.90 29.97 -10.21
C THR B 407 9.84 28.78 -9.96
N VAL B 408 11.15 29.01 -10.12
CA VAL B 408 12.19 27.98 -9.96
C VAL B 408 13.38 28.52 -9.16
N ARG B 409 13.42 28.27 -7.86
CA ARG B 409 14.52 28.73 -7.00
C ARG B 409 15.76 27.81 -6.95
N HIS B 410 16.94 28.39 -6.71
CA HIS B 410 18.17 27.63 -6.59
C HIS B 410 18.22 27.24 -5.11
N PHE B 411 18.02 25.95 -4.85
CA PHE B 411 17.92 25.32 -3.51
C PHE B 411 18.65 25.84 -2.25
N LEU B 412 19.98 25.68 -2.19
CA LEU B 412 20.76 26.12 -1.02
C LEU B 412 20.66 27.63 -0.71
N THR B 413 20.33 28.47 -1.69
CA THR B 413 20.22 29.93 -1.46
C THR B 413 18.76 30.41 -1.52
N GLY B 414 17.96 29.78 -2.36
CA GLY B 414 16.57 30.17 -2.47
C GLY B 414 16.39 31.28 -3.48
N GLU B 415 17.48 31.63 -4.15
CA GLU B 415 17.45 32.67 -5.17
C GLU B 415 16.65 32.40 -6.45
N ARG B 416 15.47 33.01 -6.58
CA ARG B 416 14.62 32.88 -7.77
C ARG B 416 15.46 32.86 -9.07
N LEU B 417 15.18 31.93 -9.98
CA LEU B 417 15.95 31.88 -11.23
C LEU B 417 15.01 32.00 -12.41
N SER B 418 15.56 32.48 -13.52
CA SER B 418 14.79 32.66 -14.75
C SER B 418 14.92 31.40 -15.58
N PHE B 419 13.78 31.05 -16.18
CA PHE B 419 13.69 29.88 -17.01
C PHE B 419 12.53 30.11 -17.94
N LYS B 420 12.45 29.26 -18.94
CA LYS B 420 11.34 29.32 -19.89
C LYS B 420 11.38 27.99 -20.67
N ASN B 421 10.20 27.50 -21.05
CA ASN B 421 10.08 26.27 -21.83
C ASN B 421 10.30 26.60 -23.31
N VAL B 422 11.51 26.30 -23.76
CA VAL B 422 11.93 26.55 -25.13
C VAL B 422 11.54 25.36 -26.03
N GLY B 423 10.30 24.95 -26.04
CA GLY B 423 9.96 23.81 -26.89
C GLY B 423 9.91 22.47 -26.17
N LYS B 424 10.62 21.47 -26.70
CA LYS B 424 10.60 20.17 -26.02
C LYS B 424 11.46 20.17 -24.76
N ASN B 425 12.27 21.23 -24.60
CA ASN B 425 13.17 21.41 -23.47
C ASN B 425 12.75 22.46 -22.41
N LEU B 426 13.55 22.55 -21.34
CA LEU B 426 13.37 23.56 -20.29
C LEU B 426 14.75 24.19 -20.18
N GLU B 427 14.79 25.53 -20.05
CA GLU B 427 16.04 26.28 -19.96
C GLU B 427 16.14 27.19 -18.74
N ILE B 428 17.17 26.99 -17.94
CA ILE B 428 17.37 27.79 -16.74
C ILE B 428 18.78 28.38 -16.79
N THR B 429 18.95 29.53 -16.16
CA THR B 429 20.25 30.19 -16.14
C THR B 429 20.62 30.23 -14.65
N VAL B 430 21.73 29.59 -14.34
CA VAL B 430 22.19 29.49 -12.97
C VAL B 430 23.44 30.34 -12.83
N PRO B 431 23.31 31.50 -12.16
CA PRO B 431 24.42 32.42 -11.95
C PRO B 431 25.57 31.69 -11.23
N LYS B 432 26.72 31.62 -11.89
CA LYS B 432 27.88 30.97 -11.34
C LYS B 432 28.05 31.28 -9.82
N LYS B 433 27.60 32.44 -9.32
CA LYS B 433 27.75 32.70 -7.88
C LYS B 433 27.05 31.55 -7.18
N LEU B 434 25.88 31.18 -7.71
CA LEU B 434 25.08 30.10 -7.14
C LEU B 434 25.67 28.72 -7.44
N LEU B 435 26.06 28.47 -8.69
CA LEU B 435 26.65 27.17 -9.01
C LEU B 435 27.82 26.89 -8.10
N GLU B 436 28.62 27.88 -7.75
CA GLU B 436 29.76 27.55 -6.89
C GLU B 436 29.37 27.29 -5.46
N THR B 437 28.18 27.71 -5.06
CA THR B 437 27.69 27.50 -3.69
C THR B 437 27.32 26.00 -3.38
N ASP B 438 27.02 25.21 -4.41
CA ASP B 438 26.60 23.80 -4.26
C ASP B 438 27.73 22.83 -4.06
N SER B 439 27.45 21.71 -3.35
CA SER B 439 28.51 20.73 -3.02
C SER B 439 28.80 19.58 -3.95
N ILE B 440 27.87 18.66 -4.16
CA ILE B 440 28.26 17.62 -5.11
C ILE B 440 27.24 17.56 -6.23
N THR B 441 26.11 18.24 -5.99
CA THR B 441 24.99 18.22 -6.90
C THR B 441 24.32 19.58 -7.00
N LEU B 442 24.11 20.07 -8.22
CA LEU B 442 23.39 21.34 -8.31
C LEU B 442 21.94 20.97 -7.97
N VAL B 443 21.29 21.74 -7.11
CA VAL B 443 19.89 21.43 -6.78
C VAL B 443 18.96 22.61 -6.94
N LEU B 444 17.96 22.47 -7.79
CA LEU B 444 16.97 23.53 -8.00
C LEU B 444 15.64 23.10 -7.36
N GLU B 445 14.85 24.04 -6.90
CA GLU B 445 13.57 23.73 -6.29
C GLU B 445 12.61 24.41 -7.21
N ALA B 446 11.49 23.79 -7.52
CA ALA B 446 10.48 24.36 -8.40
C ALA B 446 9.16 24.28 -7.71
N VAL B 447 8.38 25.36 -7.75
CA VAL B 447 7.06 25.35 -7.10
C VAL B 447 6.01 25.66 -8.12
N GLU B 448 5.19 24.67 -8.40
CA GLU B 448 4.09 24.75 -9.38
C GLU B 448 2.84 25.24 -8.64
#